data_8RLM
#
_entry.id   8RLM
#
_cell.length_a   1.00
_cell.length_b   1.00
_cell.length_c   1.00
_cell.angle_alpha   90.00
_cell.angle_beta   90.00
_cell.angle_gamma   90.00
#
_symmetry.space_group_name_H-M   'P 1'
#
_entity_poly.entity_id   1
_entity_poly.type   'polypeptide(L)'
_entity_poly.pdbx_seq_one_letter_code
;SNAMACTGPSLPSAFDILGAAGQDKLLYLKHKLKTPRPGCQGQDLLHAMVLLKLGQETEARISLEALKADAVARLVARQW
AGVDSTEDPEEPPDVSWAVARLYHLLAEEKLCPASLRDVAYQEAVRTLSSRDDHRLGELQDEARNRCGWDIAGDPGSIRT
LQSNLGCLPPSSALPSGTRSLPRPIDGVSDWSQGCSLRSTGSPASLASNLEISQSPTMPFLSLHRSPHGPSKLCDDPQAS
LVPEPVPGGCQEPEEMSWPPSGEIASPPELPSSPPPGLPEVAPDATSTGLPDTPAAPETSTNYPVECTEGSAGPQSLPLP
ILEPVENPCSVKDQTPLQLSVEDTTSPNTKPCPPTPTTPETSPPPPPPPPSSTPCSAHLTPSSLFPSSLESSSEQKFYNF
VILHARADEHIALRVREKLEALGVPDGATFCEDFQVPGRGELSCLQDAIDHSAFIILLLTSNFDCRLSLHQVNQAMMSNL
TRQGSPDCVIPFLPLESSPAQLSSDTASLLSGLVRLDEHSQIFARKVANTFKPHRLQARKAMWRKEQDTRALREQSQHLD
GERMQAAALNAAYSAYLQSYLSYQAQMEQLQVAFGSHMSFGTGAPYGARMPFGGQVPLGAPPPFPTWPGCPQPPPLHAWQ
AGTPPPPSPQPAAFPQSLPFPQSPAFPTASPAPPQSPGLQPLIIHHAQMVQLGLNNHMWNQRGSQAPEDKTQEAEHHHHH
H
;
_entity_poly.pdbx_strand_id   A,B,C,D,E,F
#
# COMPACT_ATOMS: atom_id res chain seq x y z
N GLU A 394 10.15 29.36 -12.56
CA GLU A 394 9.54 30.26 -13.52
C GLU A 394 9.43 29.60 -14.89
N GLN A 395 8.43 30.02 -15.66
CA GLN A 395 8.20 29.47 -16.99
C GLN A 395 8.87 30.35 -18.04
N LYS A 396 9.45 29.70 -19.06
CA LYS A 396 10.14 30.39 -20.13
C LYS A 396 9.33 30.27 -21.42
N PHE A 397 9.20 31.39 -22.12
CA PHE A 397 8.56 31.38 -23.44
C PHE A 397 9.55 30.88 -24.48
N TYR A 398 9.04 30.09 -25.43
CA TYR A 398 9.87 29.52 -26.49
C TYR A 398 9.35 30.02 -27.83
N ASN A 399 10.28 30.44 -28.70
CA ASN A 399 9.89 31.08 -29.95
C ASN A 399 9.05 30.15 -30.81
N PHE A 400 9.53 28.94 -31.05
CA PHE A 400 8.84 27.99 -31.91
C PHE A 400 9.02 26.58 -31.39
N VAL A 401 8.07 25.71 -31.72
CA VAL A 401 8.05 24.33 -31.24
C VAL A 401 7.78 23.41 -32.41
N ILE A 402 8.55 22.33 -32.53
CA ILE A 402 8.38 21.33 -33.57
C ILE A 402 7.86 20.06 -32.91
N LEU A 403 6.57 19.80 -33.08
CA LEU A 403 5.99 18.56 -32.59
C LEU A 403 6.42 17.41 -33.49
N HIS A 404 6.75 16.27 -32.89
CA HIS A 404 7.22 15.13 -33.65
C HIS A 404 7.01 13.86 -32.84
N ALA A 405 7.15 12.72 -33.52
CA ALA A 405 6.93 11.42 -32.91
C ALA A 405 8.17 11.00 -32.11
N ARG A 406 8.17 9.77 -31.62
CA ARG A 406 9.27 9.29 -30.79
C ARG A 406 10.55 9.10 -31.59
N ALA A 407 10.44 8.54 -32.80
CA ALA A 407 11.60 8.20 -33.61
C ALA A 407 11.98 9.31 -34.58
N ASP A 408 11.73 10.57 -34.22
CA ASP A 408 11.97 11.69 -35.10
C ASP A 408 12.93 12.72 -34.52
N GLU A 409 13.40 12.52 -33.29
CA GLU A 409 14.15 13.56 -32.58
C GLU A 409 15.38 13.99 -33.35
N HIS A 410 16.02 13.08 -34.08
CA HIS A 410 17.24 13.43 -34.78
C HIS A 410 16.99 14.54 -35.80
N ILE A 411 16.03 14.35 -36.70
CA ILE A 411 15.74 15.40 -37.66
C ILE A 411 15.05 16.56 -36.97
N ALA A 412 14.37 16.33 -35.84
CA ALA A 412 13.78 17.44 -35.10
C ALA A 412 14.85 18.44 -34.70
N LEU A 413 15.91 17.97 -34.03
CA LEU A 413 16.95 18.91 -33.61
C LEU A 413 17.80 19.35 -34.79
N ARG A 414 17.89 18.55 -35.85
CA ARG A 414 18.56 19.01 -37.06
C ARG A 414 17.87 20.25 -37.62
N VAL A 415 16.55 20.19 -37.75
CA VAL A 415 15.79 21.33 -38.25
C VAL A 415 15.84 22.49 -37.25
N ARG A 416 15.81 22.19 -35.96
CA ARG A 416 15.88 23.25 -34.96
C ARG A 416 17.20 24.03 -35.09
N GLU A 417 18.32 23.31 -35.22
CA GLU A 417 19.61 23.97 -35.38
C GLU A 417 19.68 24.71 -36.70
N LYS A 418 19.14 24.12 -37.78
CA LYS A 418 19.06 24.83 -39.04
C LYS A 418 18.35 26.17 -38.88
N LEU A 419 17.26 26.18 -38.13
CA LEU A 419 16.55 27.43 -37.88
C LEU A 419 17.38 28.39 -37.05
N GLU A 420 18.01 27.90 -35.98
CA GLU A 420 18.86 28.78 -35.17
C GLU A 420 19.91 29.46 -36.03
N ALA A 421 20.47 28.72 -37.00
CA ALA A 421 21.46 29.31 -37.90
C ALA A 421 20.88 30.44 -38.74
N LEU A 422 19.57 30.47 -38.94
CA LEU A 422 18.94 31.48 -39.78
C LEU A 422 18.61 32.77 -39.05
N GLY A 423 18.75 32.80 -37.72
CA GLY A 423 18.59 34.03 -36.98
C GLY A 423 17.37 34.09 -36.07
N VAL A 424 16.68 32.97 -35.92
CA VAL A 424 15.52 32.89 -35.03
C VAL A 424 16.00 32.37 -33.68
N PRO A 425 15.84 33.11 -32.59
CA PRO A 425 16.33 32.66 -31.29
C PRO A 425 15.26 31.92 -30.49
N ASP A 426 15.67 31.40 -29.34
CA ASP A 426 14.79 30.69 -28.41
C ASP A 426 14.03 29.56 -29.11
N GLY A 427 14.79 28.61 -29.65
CA GLY A 427 14.21 27.46 -30.29
C GLY A 427 13.66 26.46 -29.29
N ALA A 428 13.00 25.43 -29.82
CA ALA A 428 12.41 24.40 -28.97
C ALA A 428 11.94 23.24 -29.82
N THR A 429 12.03 22.03 -29.26
CA THR A 429 11.46 20.84 -29.86
C THR A 429 10.68 20.07 -28.80
N PHE A 430 9.70 19.30 -29.26
CA PHE A 430 8.69 18.75 -28.37
C PHE A 430 9.31 17.85 -27.31
N CYS A 431 10.26 17.00 -27.70
CA CYS A 431 10.83 16.01 -26.81
C CYS A 431 12.09 16.49 -26.10
N GLU A 432 12.32 17.80 -26.02
CA GLU A 432 13.55 18.32 -25.46
C GLU A 432 13.34 19.17 -24.22
N ASP A 433 12.46 20.18 -24.27
CA ASP A 433 12.24 21.08 -23.15
C ASP A 433 10.86 20.96 -22.52
N PHE A 434 9.99 20.12 -23.05
CA PHE A 434 8.62 20.03 -22.54
C PHE A 434 8.33 18.70 -21.86
N GLN A 435 8.61 17.58 -22.50
CA GLN A 435 8.45 16.28 -21.84
C GLN A 435 9.48 16.17 -20.72
N VAL A 436 9.00 16.18 -19.48
CA VAL A 436 9.88 16.11 -18.32
C VAL A 436 10.24 14.65 -18.04
N CYS A 444 -0.40 17.93 -20.65
CA CYS A 444 0.81 17.40 -21.27
C CYS A 444 1.21 18.25 -22.47
N LEU A 445 0.63 17.95 -23.64
CA LEU A 445 0.95 18.73 -24.84
C LEU A 445 0.43 20.16 -24.72
N GLN A 446 -0.71 20.35 -24.06
CA GLN A 446 -1.21 21.71 -23.86
C GLN A 446 -0.19 22.58 -23.17
N ASP A 447 0.64 21.99 -22.32
CA ASP A 447 1.70 22.75 -21.64
C ASP A 447 2.63 23.38 -22.67
N ALA A 448 2.96 22.65 -23.74
CA ALA A 448 3.77 23.23 -24.80
C ALA A 448 2.95 24.16 -25.69
N ILE A 449 1.67 23.86 -25.86
CA ILE A 449 0.84 24.67 -26.76
C ILE A 449 0.72 26.10 -26.23
N ASP A 450 0.44 26.24 -24.93
CA ASP A 450 0.20 27.59 -24.39
C ASP A 450 1.49 28.36 -24.15
N HIS A 451 2.63 27.69 -24.13
CA HIS A 451 3.91 28.35 -23.87
C HIS A 451 4.77 28.50 -25.12
N SER A 452 4.15 28.45 -26.30
CA SER A 452 4.86 28.60 -27.57
C SER A 452 4.12 29.61 -28.45
N ALA A 453 4.89 30.35 -29.23
CA ALA A 453 4.33 31.38 -30.10
C ALA A 453 3.86 30.79 -31.44
N PHE A 454 4.77 30.19 -32.19
CA PHE A 454 4.49 29.65 -33.52
C PHE A 454 4.74 28.15 -33.48
N ILE A 455 3.68 27.37 -33.72
CA ILE A 455 3.79 25.92 -33.67
C ILE A 455 4.27 25.41 -35.03
N ILE A 456 5.21 24.48 -35.01
CA ILE A 456 5.76 23.88 -36.21
C ILE A 456 5.29 22.43 -36.25
N LEU A 457 4.61 22.04 -37.33
CA LEU A 457 4.12 20.69 -37.52
C LEU A 457 4.97 20.03 -38.59
N LEU A 458 5.93 19.22 -38.16
CA LEU A 458 6.87 18.58 -39.08
C LEU A 458 6.22 17.35 -39.67
N LEU A 459 5.75 17.46 -40.91
CA LEU A 459 5.18 16.31 -41.60
C LEU A 459 6.30 15.34 -41.97
N THR A 460 6.06 14.05 -41.74
CA THR A 460 7.04 13.01 -42.05
C THR A 460 6.35 11.66 -42.10
N SER A 461 7.13 10.62 -42.40
CA SER A 461 6.57 9.29 -42.53
C SER A 461 5.99 8.79 -41.22
N ASN A 462 6.68 9.03 -40.11
CA ASN A 462 6.26 8.53 -38.81
C ASN A 462 5.35 9.50 -38.07
N PHE A 463 4.82 10.52 -38.75
CA PHE A 463 3.85 11.44 -38.17
C PHE A 463 2.43 11.11 -38.57
N ASP A 464 2.22 10.00 -39.30
CA ASP A 464 0.89 9.62 -39.74
C ASP A 464 0.05 8.99 -38.64
N CYS A 465 0.65 8.62 -37.51
CA CYS A 465 -0.12 8.07 -36.40
C CYS A 465 -1.17 9.06 -35.93
N ARG A 466 -2.35 8.56 -35.58
CA ARG A 466 -3.45 9.43 -35.24
C ARG A 466 -3.22 10.19 -33.93
N LEU A 467 -2.20 9.82 -33.16
CA LEU A 467 -1.80 10.67 -32.03
C LEU A 467 -1.34 12.02 -32.54
N SER A 468 -0.56 12.03 -33.64
CA SER A 468 -0.22 13.27 -34.29
C SER A 468 -1.46 14.02 -34.78
N LEU A 469 -2.47 13.27 -35.25
CA LEU A 469 -3.72 13.89 -35.67
C LEU A 469 -4.40 14.59 -34.51
N HIS A 470 -4.42 13.94 -33.34
CA HIS A 470 -4.99 14.56 -32.15
C HIS A 470 -4.21 15.80 -31.76
N GLN A 471 -2.88 15.74 -31.83
CA GLN A 471 -2.08 16.93 -31.53
C GLN A 471 -2.41 18.07 -32.49
N VAL A 472 -2.53 17.76 -33.78
CA VAL A 472 -2.83 18.80 -34.77
C VAL A 472 -4.19 19.43 -34.48
N ASN A 473 -5.20 18.61 -34.22
CA ASN A 473 -6.53 19.14 -33.94
C ASN A 473 -6.53 19.98 -32.68
N GLN A 474 -5.89 19.50 -31.62
CA GLN A 474 -5.84 20.26 -30.38
C GLN A 474 -5.16 21.60 -30.59
N ALA A 475 -4.03 21.60 -31.30
CA ALA A 475 -3.31 22.84 -31.55
C ALA A 475 -4.16 23.82 -32.33
N MET A 476 -4.81 23.34 -33.40
CA MET A 476 -5.61 24.23 -34.24
C MET A 476 -6.80 24.80 -33.47
N MET A 477 -7.50 23.95 -32.71
CA MET A 477 -8.66 24.44 -31.97
C MET A 477 -8.25 25.40 -30.87
N SER A 478 -7.11 25.15 -30.21
CA SER A 478 -6.62 26.10 -29.22
C SER A 478 -6.23 27.42 -29.86
N ASN A 479 -5.60 27.37 -31.03
CA ASN A 479 -5.21 28.60 -31.71
C ASN A 479 -6.44 29.40 -32.14
N LEU A 480 -7.47 28.73 -32.65
CA LEU A 480 -8.70 29.43 -32.98
C LEU A 480 -9.38 30.00 -31.75
N THR A 481 -9.38 29.25 -30.64
CA THR A 481 -9.98 29.76 -29.41
C THR A 481 -9.20 30.95 -28.86
N ARG A 482 -7.87 30.89 -28.89
CA ARG A 482 -7.06 31.95 -28.34
C ARG A 482 -7.21 33.22 -29.18
N GLN A 483 -6.92 34.36 -28.55
CA GLN A 483 -7.15 35.66 -29.17
C GLN A 483 -5.93 36.11 -29.96
N GLY A 484 -6.16 36.51 -31.21
CA GLY A 484 -5.11 37.01 -32.06
C GLY A 484 -4.30 35.89 -32.72
N SER A 485 -3.36 36.31 -33.56
CA SER A 485 -2.41 35.39 -34.18
C SER A 485 -3.13 34.27 -34.93
N PRO A 486 -3.72 34.55 -36.09
CA PRO A 486 -4.44 33.50 -36.82
C PRO A 486 -3.54 32.45 -37.45
N ASP A 487 -2.25 32.71 -37.63
CA ASP A 487 -1.37 31.87 -38.44
C ASP A 487 -0.11 31.47 -37.66
N CYS A 488 -0.29 30.96 -36.44
CA CYS A 488 0.85 30.49 -35.67
C CYS A 488 1.35 29.14 -36.17
N VAL A 489 0.45 28.27 -36.60
CA VAL A 489 0.81 26.90 -36.96
C VAL A 489 1.45 26.93 -38.34
N ILE A 490 2.73 26.55 -38.41
CA ILE A 490 3.50 26.57 -39.65
C ILE A 490 3.90 25.13 -39.98
N PRO A 491 3.25 24.49 -40.94
CA PRO A 491 3.69 23.15 -41.35
C PRO A 491 5.10 23.17 -41.93
N PHE A 492 5.76 22.02 -41.85
CA PHE A 492 7.14 21.88 -42.30
C PHE A 492 7.26 20.63 -43.15
N LEU A 493 8.22 20.64 -44.06
CA LEU A 493 8.47 19.52 -44.97
C LEU A 493 9.97 19.32 -45.13
N PRO A 494 10.60 18.49 -44.29
CA PRO A 494 12.05 18.28 -44.42
C PRO A 494 12.43 17.50 -45.68
N LEU A 495 13.72 17.21 -45.83
CA LEU A 495 14.19 16.50 -47.01
C LEU A 495 13.76 15.04 -46.99
N GLU A 496 13.82 14.41 -45.82
CA GLU A 496 13.53 12.99 -45.72
C GLU A 496 12.07 12.65 -46.00
N SER A 497 11.19 13.64 -46.04
CA SER A 497 9.78 13.43 -46.34
C SER A 497 9.46 14.08 -47.68
N SER A 498 9.12 13.26 -48.66
CA SER A 498 8.80 13.77 -49.98
C SER A 498 7.45 14.49 -49.96
N PRO A 499 7.23 15.41 -50.89
CA PRO A 499 5.90 16.06 -50.96
C PRO A 499 4.77 15.08 -51.25
N ALA A 500 5.04 14.00 -51.98
CA ALA A 500 4.00 13.07 -52.37
C ALA A 500 3.69 12.01 -51.34
N GLN A 501 4.54 11.86 -50.31
CA GLN A 501 4.35 10.84 -49.29
C GLN A 501 3.65 11.37 -48.04
N LEU A 502 3.15 12.62 -48.08
CA LEU A 502 2.50 13.19 -46.92
C LEU A 502 1.34 12.32 -46.47
N SER A 503 1.23 12.12 -45.16
CA SER A 503 0.15 11.29 -44.61
C SER A 503 -1.21 11.88 -44.96
N SER A 504 -2.17 11.00 -45.22
CA SER A 504 -3.48 11.44 -45.68
C SER A 504 -4.15 12.34 -44.64
N ASP A 505 -4.26 11.86 -43.40
CA ASP A 505 -5.01 12.61 -42.39
C ASP A 505 -4.30 13.91 -42.03
N THR A 506 -3.01 13.82 -41.66
CA THR A 506 -2.29 15.00 -41.23
C THR A 506 -2.22 16.04 -42.36
N ALA A 507 -1.87 15.59 -43.56
CA ALA A 507 -1.80 16.52 -44.69
C ALA A 507 -3.16 17.11 -45.00
N SER A 508 -4.22 16.31 -44.91
CA SER A 508 -5.57 16.85 -45.14
C SER A 508 -5.89 17.95 -44.13
N LEU A 509 -5.50 17.75 -42.88
CA LEU A 509 -5.69 18.78 -41.86
C LEU A 509 -4.83 20.02 -42.14
N LEU A 510 -3.84 19.93 -43.03
CA LEU A 510 -2.96 21.04 -43.34
C LEU A 510 -3.04 21.45 -44.81
N SER A 511 -4.12 21.08 -45.49
CA SER A 511 -4.22 21.36 -46.93
C SER A 511 -4.32 22.86 -47.20
N GLY A 512 -5.07 23.58 -46.38
CA GLY A 512 -5.36 24.98 -46.65
C GLY A 512 -4.46 25.95 -45.92
N LEU A 513 -3.16 25.64 -45.83
CA LEU A 513 -2.20 26.51 -45.18
C LEU A 513 -0.88 26.46 -45.92
N VAL A 514 -0.05 27.48 -45.68
CA VAL A 514 1.28 27.52 -46.28
C VAL A 514 2.10 26.33 -45.77
N ARG A 515 3.02 25.86 -46.61
CA ARG A 515 3.87 24.72 -46.30
C ARG A 515 5.33 25.13 -46.45
N LEU A 516 6.11 24.90 -45.39
CA LEU A 516 7.53 25.19 -45.42
C LEU A 516 8.29 23.94 -45.86
N ASP A 517 9.08 24.08 -46.92
CA ASP A 517 9.82 22.95 -47.49
C ASP A 517 11.24 23.39 -47.80
N GLU A 518 12.21 22.60 -47.34
CA GLU A 518 13.60 22.85 -47.69
C GLU A 518 13.91 22.45 -49.13
N HIS A 519 13.01 21.73 -49.79
CA HIS A 519 13.17 21.46 -51.21
C HIS A 519 13.19 22.77 -52.00
N SER A 520 12.36 23.73 -51.59
CA SER A 520 12.36 25.03 -52.22
C SER A 520 13.65 25.78 -51.91
N GLN A 521 14.04 26.66 -52.83
CA GLN A 521 15.25 27.47 -52.68
C GLN A 521 14.97 28.82 -52.04
N ILE A 522 13.72 29.10 -51.67
CA ILE A 522 13.33 30.40 -51.12
C ILE A 522 13.15 30.27 -49.62
N PHE A 523 13.83 29.29 -49.02
CA PHE A 523 13.67 29.03 -47.60
C PHE A 523 14.10 30.21 -46.75
N ALA A 524 15.21 30.87 -47.14
CA ALA A 524 15.68 32.02 -46.37
C ALA A 524 14.59 33.07 -46.26
N ARG A 525 14.02 33.48 -47.40
CA ARG A 525 12.97 34.48 -47.38
C ARG A 525 11.72 33.97 -46.68
N LYS A 526 11.41 32.67 -46.81
CA LYS A 526 10.24 32.12 -46.15
C LYS A 526 10.35 32.29 -44.64
N VAL A 527 11.49 31.88 -44.07
CA VAL A 527 11.68 32.02 -42.63
C VAL A 527 11.76 33.50 -42.24
N ALA A 528 12.38 34.32 -43.09
CA ALA A 528 12.52 35.73 -42.75
C ALA A 528 11.16 36.43 -42.66
N ASN A 529 10.26 36.14 -43.62
CA ASN A 529 8.99 36.85 -43.66
C ASN A 529 7.91 36.20 -42.82
N THR A 530 8.03 34.90 -42.50
CA THR A 530 7.07 34.30 -41.59
C THR A 530 7.32 34.70 -40.14
N PHE A 531 8.60 34.79 -39.76
CA PHE A 531 8.98 35.16 -38.39
C PHE A 531 9.38 36.64 -38.35
N LYS A 532 8.39 37.50 -38.53
CA LYS A 532 8.65 38.94 -38.45
C LYS A 532 8.83 39.34 -36.99
N PRO A 533 9.89 40.08 -36.63
CA PRO A 533 10.12 40.39 -35.21
C PRO A 533 8.97 41.12 -34.54
N HIS A 534 8.27 42.02 -35.24
CA HIS A 534 7.24 42.82 -34.60
C HIS A 534 6.08 41.95 -34.12
N ARG A 535 5.59 41.06 -34.97
CA ARG A 535 4.52 40.17 -34.56
C ARG A 535 5.01 39.18 -33.49
N LEU A 536 6.28 38.81 -33.55
CA LEU A 536 6.82 37.93 -32.52
C LEU A 536 6.83 38.60 -31.15
N GLN A 537 7.23 39.88 -31.11
CA GLN A 537 7.17 40.61 -29.84
C GLN A 537 5.73 40.82 -29.38
N ALA A 538 4.81 41.05 -30.32
CA ALA A 538 3.40 41.13 -29.95
C ALA A 538 2.92 39.82 -29.33
N ARG A 539 3.34 38.69 -29.91
CA ARG A 539 2.99 37.39 -29.35
C ARG A 539 3.60 37.21 -27.97
N LYS A 540 4.85 37.66 -27.79
CA LYS A 540 5.50 37.55 -26.49
C LYS A 540 4.75 38.37 -25.45
N ALA A 541 4.32 39.58 -25.80
CA ALA A 541 3.54 40.39 -24.87
C ALA A 541 2.20 39.74 -24.55
N MET A 542 1.55 39.16 -25.56
CA MET A 542 0.26 38.50 -25.32
C MET A 542 0.45 37.33 -24.36
N TRP A 543 1.49 36.52 -24.58
CA TRP A 543 1.75 35.39 -23.69
C TRP A 543 2.08 35.87 -22.28
N ARG A 544 2.86 36.95 -22.18
CA ARG A 544 3.23 37.47 -20.87
C ARG A 544 2.00 37.93 -20.09
N LYS A 545 1.09 38.65 -20.76
CA LYS A 545 -0.12 39.09 -20.07
C LYS A 545 -1.04 37.92 -19.75
N GLU A 546 -1.10 36.91 -20.62
CA GLU A 546 -1.91 35.74 -20.32
C GLU A 546 -1.36 35.00 -19.11
N GLN A 547 -0.03 34.90 -19.01
CA GLN A 547 0.57 34.26 -17.84
C GLN A 547 0.38 35.11 -16.59
N ASP A 548 0.35 36.44 -16.73
CA ASP A 548 0.02 37.28 -15.60
C ASP A 548 -1.40 37.01 -15.11
N THR A 549 -2.34 36.87 -16.04
CA THR A 549 -3.71 36.51 -15.65
C THR A 549 -3.74 35.13 -14.99
N ARG A 550 -2.97 34.18 -15.52
CA ARG A 550 -2.92 32.86 -14.92
C ARG A 550 -2.38 32.92 -13.49
N ALA A 551 -1.35 33.73 -13.26
CA ALA A 551 -0.82 33.91 -11.91
C ALA A 551 -1.86 34.56 -11.00
N LEU A 552 -2.63 35.52 -11.54
CA LEU A 552 -3.70 36.12 -10.76
C LEU A 552 -4.73 35.06 -10.35
N ARG A 553 -5.11 34.19 -11.29
CA ARG A 553 -6.04 33.11 -10.95
C ARG A 553 -5.45 32.20 -9.89
N GLU A 554 -4.17 31.84 -10.02
CA GLU A 554 -3.53 30.98 -9.04
C GLU A 554 -3.53 31.62 -7.66
N GLN A 555 -3.21 32.92 -7.58
CA GLN A 555 -3.24 33.62 -6.31
C GLN A 555 -4.65 33.76 -5.76
N SER A 556 -5.67 33.75 -6.63
CA SER A 556 -7.05 33.82 -6.15
C SER A 556 -7.40 32.64 -5.27
N GLN A 557 -6.95 31.44 -5.65
CA GLN A 557 -7.22 30.24 -4.87
C GLN A 557 -6.42 30.25 -3.58
N GLU B 394 16.77 12.98 14.03
CA GLU B 394 16.17 13.90 13.07
C GLU B 394 15.99 13.21 11.72
N GLN B 395 15.00 13.65 10.95
CA GLN B 395 14.72 13.09 9.65
C GLN B 395 15.39 13.91 8.56
N LYS B 396 15.92 13.23 7.55
CA LYS B 396 16.61 13.87 6.44
C LYS B 396 15.76 13.76 5.18
N PHE B 397 15.65 14.86 4.45
CA PHE B 397 14.99 14.85 3.16
C PHE B 397 15.92 14.30 2.09
N TYR B 398 15.37 13.50 1.19
CA TYR B 398 16.14 12.88 0.12
C TYR B 398 15.61 13.37 -1.22
N ASN B 399 16.53 13.73 -2.12
CA ASN B 399 16.14 14.36 -3.38
C ASN B 399 15.24 13.46 -4.20
N PHE B 400 15.67 12.22 -4.43
CA PHE B 400 14.92 11.29 -5.25
C PHE B 400 15.07 9.88 -4.70
N VAL B 401 14.08 9.04 -4.99
CA VAL B 401 14.03 7.67 -4.48
C VAL B 401 13.69 6.74 -5.64
N ILE B 402 14.42 5.63 -5.74
CA ILE B 402 14.19 4.61 -6.75
C ILE B 402 13.64 3.38 -6.06
N LEU B 403 12.33 3.16 -6.18
CA LEU B 403 11.72 1.95 -5.66
C LEU B 403 12.09 0.76 -6.56
N HIS B 404 12.39 -0.37 -5.92
CA HIS B 404 12.80 -1.54 -6.68
C HIS B 404 12.57 -2.78 -5.84
N ALA B 405 12.65 -3.93 -6.50
CA ALA B 405 12.40 -5.23 -5.85
C ALA B 405 13.64 -5.66 -5.07
N ARG B 406 13.61 -6.90 -4.57
CA ARG B 406 14.71 -7.39 -3.75
C ARG B 406 15.96 -7.64 -4.58
N ALA B 407 15.81 -8.23 -5.77
CA ALA B 407 16.93 -8.63 -6.61
C ALA B 407 17.33 -7.54 -7.61
N ASP B 408 17.12 -6.27 -7.26
CA ASP B 408 17.39 -5.17 -8.18
C ASP B 408 18.40 -4.17 -7.63
N GLU B 409 18.90 -4.36 -6.41
CA GLU B 409 19.69 -3.34 -5.75
C GLU B 409 20.93 -2.97 -6.56
N HIS B 410 21.51 -3.93 -7.28
CA HIS B 410 22.73 -3.63 -8.02
C HIS B 410 22.49 -2.53 -9.05
N ILE B 411 21.50 -2.71 -9.92
CA ILE B 411 21.23 -1.66 -10.89
C ILE B 411 20.60 -0.46 -10.22
N ALA B 412 19.94 -0.65 -9.07
CA ALA B 412 19.41 0.49 -8.34
C ALA B 412 20.52 1.47 -7.98
N LEU B 413 21.58 0.97 -7.33
CA LEU B 413 22.65 1.88 -6.96
C LEU B 413 23.50 2.26 -8.16
N ARG B 414 23.54 1.44 -9.21
CA ARG B 414 24.19 1.86 -10.44
C ARG B 414 23.53 3.11 -11.01
N VAL B 415 22.20 3.10 -11.11
CA VAL B 415 21.48 4.26 -11.61
C VAL B 415 21.59 5.43 -10.65
N ARG B 416 21.59 5.15 -9.33
CA ARG B 416 21.71 6.23 -8.38
C ARG B 416 23.06 6.95 -8.54
N GLU B 417 24.14 6.20 -8.69
CA GLU B 417 25.45 6.81 -8.89
C GLU B 417 25.51 7.52 -10.23
N LYS B 418 24.93 6.92 -11.28
CA LYS B 418 24.85 7.62 -12.56
C LYS B 418 24.20 8.98 -12.41
N LEU B 419 23.12 9.05 -11.63
CA LEU B 419 22.46 10.32 -11.39
C LEU B 419 23.34 11.27 -10.60
N GLU B 420 23.99 10.78 -9.53
CA GLU B 420 24.88 11.65 -8.76
C GLU B 420 25.94 12.26 -9.67
N ALA B 421 26.44 11.49 -10.63
CA ALA B 421 27.43 12.02 -11.57
C ALA B 421 26.88 13.16 -12.42
N LEU B 422 25.55 13.23 -12.58
CA LEU B 422 24.94 14.25 -13.43
C LEU B 422 24.69 15.57 -12.71
N GLY B 423 24.86 15.61 -11.40
CA GLY B 423 24.76 16.87 -10.68
C GLY B 423 23.56 16.98 -9.74
N VAL B 424 22.83 15.89 -9.54
CA VAL B 424 21.70 15.87 -8.62
C VAL B 424 22.19 15.36 -7.28
N PRO B 425 22.09 16.14 -6.21
CA PRO B 425 22.59 15.69 -4.90
C PRO B 425 21.51 15.01 -4.06
N ASP B 426 21.94 14.49 -2.91
CA ASP B 426 21.06 13.83 -1.95
C ASP B 426 20.25 12.72 -2.61
N GLY B 427 20.96 11.73 -3.15
CA GLY B 427 20.31 10.58 -3.74
C GLY B 427 19.76 9.63 -2.71
N ALA B 428 19.04 8.61 -3.20
CA ALA B 428 18.43 7.63 -2.32
C ALA B 428 17.91 6.46 -3.14
N THR B 429 17.96 5.28 -2.55
CA THR B 429 17.35 4.09 -3.11
C THR B 429 16.56 3.38 -2.02
N PHE B 430 15.54 2.63 -2.45
CA PHE B 430 14.54 2.13 -1.51
C PHE B 430 15.15 1.23 -0.45
N CYS B 431 16.06 0.34 -0.84
CA CYS B 431 16.61 -0.66 0.05
C CYS B 431 17.90 -0.22 0.72
N GLU B 432 18.18 1.09 0.76
CA GLU B 432 19.45 1.58 1.29
C GLU B 432 19.30 2.46 2.52
N ASP B 433 18.45 3.49 2.46
CA ASP B 433 18.30 4.43 3.57
C ASP B 433 16.93 4.38 4.24
N PHE B 434 16.01 3.55 3.74
CA PHE B 434 14.65 3.52 4.28
C PHE B 434 14.33 2.23 5.01
N GLN B 435 14.56 1.08 4.38
CA GLN B 435 14.37 -0.20 5.07
C GLN B 435 15.41 -0.34 6.17
N VAL B 436 14.96 -0.27 7.42
CA VAL B 436 15.88 -0.35 8.56
C VAL B 436 16.19 -1.81 8.87
N CYS B 444 5.63 1.79 6.44
CA CYS B 444 6.79 1.21 5.79
C CYS B 444 7.20 2.02 4.57
N LEU B 445 6.57 1.72 3.43
CA LEU B 445 6.88 2.46 2.20
C LEU B 445 6.42 3.91 2.30
N GLN B 446 5.31 4.16 2.98
CA GLN B 446 4.86 5.54 3.16
C GLN B 446 5.94 6.38 3.81
N ASP B 447 6.77 5.78 4.67
CA ASP B 447 7.86 6.51 5.29
C ASP B 447 8.80 7.09 4.23
N ALA B 448 9.06 6.33 3.17
CA ALA B 448 9.86 6.85 2.07
C ALA B 448 9.06 7.79 1.19
N ILE B 449 7.76 7.55 1.06
CA ILE B 449 6.94 8.37 0.17
C ILE B 449 6.88 9.81 0.67
N ASP B 450 6.65 9.99 1.97
CA ASP B 450 6.47 11.34 2.48
C ASP B 450 7.78 12.08 2.68
N HIS B 451 8.91 11.37 2.67
CA HIS B 451 10.22 11.98 2.90
C HIS B 451 11.04 12.07 1.62
N SER B 452 10.40 12.03 0.45
CA SER B 452 11.07 12.13 -0.82
C SER B 452 10.36 13.15 -1.70
N ALA B 453 11.13 13.84 -2.53
CA ALA B 453 10.59 14.87 -3.41
C ALA B 453 10.07 14.28 -4.71
N PHE B 454 10.94 13.63 -5.47
CA PHE B 454 10.59 13.07 -6.78
C PHE B 454 10.79 11.56 -6.72
N ILE B 455 9.71 10.81 -6.91
CA ILE B 455 9.76 9.36 -6.85
C ILE B 455 10.20 8.82 -8.20
N ILE B 456 11.10 7.84 -8.19
CA ILE B 456 11.60 7.19 -9.40
C ILE B 456 11.07 5.77 -9.39
N LEU B 457 10.36 5.39 -10.44
CA LEU B 457 9.80 4.05 -10.58
C LEU B 457 10.61 3.34 -11.67
N LEU B 458 11.56 2.50 -11.25
CA LEU B 458 12.44 1.81 -12.16
C LEU B 458 11.74 0.59 -12.71
N LEU B 459 11.23 0.70 -13.94
CA LEU B 459 10.62 -0.45 -14.60
C LEU B 459 11.68 -1.47 -14.98
N THR B 460 11.40 -2.74 -14.72
CA THR B 460 12.35 -3.81 -15.03
C THR B 460 11.60 -5.14 -15.03
N SER B 461 12.34 -6.21 -15.33
CA SER B 461 11.72 -7.53 -15.43
C SER B 461 11.16 -7.98 -14.08
N ASN B 462 11.89 -7.74 -12.99
CA ASN B 462 11.48 -8.20 -11.67
C ASN B 462 10.62 -7.18 -10.93
N PHE B 463 10.11 -6.16 -11.61
CA PHE B 463 9.20 -5.19 -11.04
C PHE B 463 7.75 -5.48 -11.40
N ASP B 464 7.48 -6.59 -12.10
CA ASP B 464 6.13 -6.94 -12.50
C ASP B 464 5.30 -7.51 -11.37
N CYS B 465 5.91 -7.88 -10.25
CA CYS B 465 5.15 -8.39 -9.12
C CYS B 465 4.15 -7.33 -8.64
N ARG B 466 2.96 -7.80 -8.25
CA ARG B 466 1.90 -6.87 -7.88
C ARG B 466 2.19 -6.10 -6.61
N LEU B 467 3.22 -6.49 -5.85
CA LEU B 467 3.67 -5.64 -4.75
C LEU B 467 4.17 -4.30 -5.31
N SER B 468 4.92 -4.35 -6.41
CA SER B 468 5.29 -3.13 -7.10
C SER B 468 4.06 -2.37 -7.57
N LEU B 469 3.02 -3.08 -8.01
CA LEU B 469 1.79 -2.42 -8.42
C LEU B 469 1.16 -1.68 -7.24
N HIS B 470 1.15 -2.31 -6.07
CA HIS B 470 0.62 -1.64 -4.88
C HIS B 470 1.46 -0.41 -4.54
N GLN B 471 2.78 -0.53 -4.64
CA GLN B 471 3.64 0.64 -4.38
C GLN B 471 3.32 1.77 -5.35
N VAL B 472 3.16 1.44 -6.63
CA VAL B 472 2.86 2.46 -7.63
C VAL B 472 1.55 3.15 -7.32
N ASN B 473 0.50 2.37 -7.02
CA ASN B 473 -0.79 2.95 -6.73
C ASN B 473 -0.74 3.83 -5.48
N GLN B 474 -0.09 3.34 -4.42
CA GLN B 474 0.02 4.13 -3.21
C GLN B 474 0.75 5.44 -3.46
N ALA B 475 1.86 5.38 -4.20
CA ALA B 475 2.63 6.59 -4.48
C ALA B 475 1.78 7.58 -5.28
N MET B 476 1.09 7.11 -6.31
CA MET B 476 0.30 8.01 -7.15
C MET B 476 -0.85 8.63 -6.36
N MET B 477 -1.55 7.83 -5.57
CA MET B 477 -2.68 8.38 -4.82
C MET B 477 -2.21 9.34 -3.73
N SER B 478 -1.06 9.06 -3.11
CA SER B 478 -0.52 10.00 -2.14
C SER B 478 -0.11 11.30 -2.83
N ASN B 479 0.50 11.21 -4.01
CA ASN B 479 0.91 12.42 -4.72
C ASN B 479 -0.29 13.25 -5.13
N LEU B 480 -1.35 12.60 -5.61
CA LEU B 480 -2.57 13.34 -5.93
C LEU B 480 -3.19 13.96 -4.69
N THR B 481 -3.19 13.23 -3.57
CA THR B 481 -3.75 13.78 -2.33
C THR B 481 -2.91 14.96 -1.83
N ARG B 482 -1.59 14.84 -1.88
CA ARG B 482 -0.72 15.90 -1.38
C ARG B 482 -0.86 17.14 -2.24
N GLN B 483 -0.51 18.29 -1.65
CA GLN B 483 -0.71 19.58 -2.29
C GLN B 483 0.51 19.97 -3.11
N GLY B 484 0.26 20.35 -4.36
CA GLY B 484 1.32 20.79 -5.25
C GLY B 484 2.06 19.64 -5.91
N SER B 485 3.01 20.01 -6.77
CA SER B 485 3.89 19.04 -7.40
C SER B 485 3.12 17.93 -8.10
N PRO B 486 2.50 18.21 -9.25
CA PRO B 486 1.73 17.17 -9.94
C PRO B 486 2.59 16.07 -10.58
N ASP B 487 3.87 16.29 -10.79
CA ASP B 487 4.71 15.40 -11.61
C ASP B 487 5.96 14.97 -10.85
N CYS B 488 5.80 14.50 -9.61
CA CYS B 488 6.94 14.00 -8.86
C CYS B 488 7.38 12.62 -9.34
N VAL B 489 6.44 11.78 -9.73
CA VAL B 489 6.74 10.40 -10.09
C VAL B 489 7.35 10.36 -11.49
N ILE B 490 8.60 9.94 -11.57
CA ILE B 490 9.36 9.91 -12.82
C ILE B 490 9.70 8.45 -13.13
N PRO B 491 8.99 7.80 -14.07
CA PRO B 491 9.37 6.44 -14.46
C PRO B 491 10.76 6.40 -15.07
N PHE B 492 11.38 5.23 -14.98
CA PHE B 492 12.75 5.03 -15.46
C PHE B 492 12.81 3.76 -16.28
N LEU B 493 13.75 3.72 -17.23
CA LEU B 493 13.93 2.58 -18.12
C LEU B 493 15.42 2.32 -18.32
N PRO B 494 16.04 1.48 -17.47
CA PRO B 494 17.47 1.21 -17.63
C PRO B 494 17.80 0.39 -18.87
N LEU B 495 19.07 0.06 -19.05
CA LEU B 495 19.50 -0.69 -20.23
C LEU B 495 19.01 -2.13 -20.17
N GLU B 496 19.06 -2.74 -18.99
CA GLU B 496 18.73 -4.15 -18.85
C GLU B 496 17.26 -4.44 -19.09
N SER B 497 16.40 -3.42 -19.13
CA SER B 497 14.98 -3.59 -19.39
C SER B 497 14.65 -2.95 -20.73
N SER B 498 14.26 -3.78 -21.69
CA SER B 498 13.94 -3.28 -23.01
C SER B 498 12.61 -2.52 -22.98
N PRO B 499 12.39 -1.60 -23.93
CA PRO B 499 11.09 -0.92 -23.97
C PRO B 499 9.92 -1.85 -24.20
N ALA B 500 10.14 -2.96 -24.92
CA ALA B 500 9.05 -3.86 -25.28
C ALA B 500 8.73 -4.89 -24.20
N GLN B 501 9.60 -5.04 -23.20
CA GLN B 501 9.39 -6.03 -22.15
C GLN B 501 8.75 -5.44 -20.90
N LEU B 502 8.30 -4.19 -20.95
CA LEU B 502 7.69 -3.57 -19.78
C LEU B 502 6.51 -4.39 -19.29
N SER B 503 6.42 -4.56 -17.97
CA SER B 503 5.34 -5.34 -17.39
C SER B 503 3.99 -4.71 -17.71
N SER B 504 2.98 -5.56 -17.93
CA SER B 504 1.69 -5.08 -18.37
C SER B 504 1.07 -4.14 -17.34
N ASP B 505 0.98 -4.58 -16.08
CA ASP B 505 0.29 -3.78 -15.08
C ASP B 505 1.05 -2.51 -14.75
N THR B 506 2.33 -2.64 -14.41
CA THR B 506 3.12 -1.47 -14.02
C THR B 506 3.20 -0.46 -15.17
N ALA B 507 3.49 -0.95 -16.38
CA ALA B 507 3.57 -0.04 -17.52
C ALA B 507 2.22 0.60 -17.82
N SER B 508 1.13 -0.16 -17.69
CA SER B 508 -0.20 0.41 -17.89
C SER B 508 -0.45 1.54 -16.90
N LEU B 509 -0.04 1.36 -15.64
CA LEU B 509 -0.16 2.42 -14.66
C LEU B 509 0.73 3.61 -14.97
N LEU B 510 1.69 3.47 -15.88
CA LEU B 510 2.61 4.54 -16.24
C LEU B 510 2.50 4.93 -17.71
N SER B 511 1.39 4.58 -18.37
CA SER B 511 1.27 4.83 -19.80
C SER B 511 1.22 6.33 -20.10
N GLY B 512 0.52 7.09 -19.28
CA GLY B 512 0.27 8.50 -19.57
C GLY B 512 1.22 9.46 -18.89
N LEU B 513 2.50 9.10 -18.83
CA LEU B 513 3.51 9.95 -18.21
C LEU B 513 4.81 9.83 -18.99
N VAL B 514 5.69 10.82 -18.78
CA VAL B 514 7.00 10.79 -19.42
C VAL B 514 7.79 9.60 -18.91
N ARG B 515 8.67 9.09 -19.76
CA ARG B 515 9.49 7.92 -19.44
C ARG B 515 10.96 8.26 -19.64
N LEU B 516 11.75 8.04 -18.60
CA LEU B 516 13.20 8.27 -18.66
C LEU B 516 13.88 6.99 -19.10
N ASP B 517 14.66 7.07 -20.18
CA ASP B 517 15.34 5.91 -20.73
C ASP B 517 16.77 6.28 -21.09
N GLU B 518 17.72 5.47 -20.63
CA GLU B 518 19.11 5.67 -21.03
C GLU B 518 19.37 5.22 -22.47
N HIS B 519 18.42 4.51 -23.09
CA HIS B 519 18.55 4.22 -24.51
C HIS B 519 18.59 5.50 -25.33
N SER B 520 17.81 6.50 -24.92
CA SER B 520 17.84 7.79 -25.57
C SER B 520 19.16 8.50 -25.30
N GLN B 521 19.56 9.35 -26.25
CA GLN B 521 20.79 10.11 -26.15
C GLN B 521 20.58 11.49 -25.53
N ILE B 522 19.36 11.82 -25.14
CA ILE B 522 19.03 13.14 -24.61
C ILE B 522 18.87 13.04 -23.10
N PHE B 523 19.53 12.06 -22.50
CA PHE B 523 19.40 11.83 -21.06
C PHE B 523 19.91 13.02 -20.25
N ALA B 524 21.01 13.62 -20.69
CA ALA B 524 21.54 14.77 -19.95
C ALA B 524 20.50 15.87 -19.84
N ARG B 525 19.91 16.27 -20.97
CA ARG B 525 18.90 17.31 -20.94
C ARG B 525 17.65 16.85 -20.21
N LYS B 526 17.30 15.57 -20.31
CA LYS B 526 16.13 15.07 -19.60
C LYS B 526 16.28 15.27 -18.10
N VAL B 527 17.41 14.82 -17.54
CA VAL B 527 17.64 14.99 -16.11
C VAL B 527 17.79 16.47 -15.77
N ALA B 528 18.41 17.26 -16.64
CA ALA B 528 18.61 18.67 -16.34
C ALA B 528 17.29 19.42 -16.23
N ASN B 529 16.36 19.14 -17.14
CA ASN B 529 15.10 19.88 -17.19
C ASN B 529 14.02 19.30 -16.29
N THR B 530 14.10 18.01 -15.96
CA THR B 530 13.14 17.46 -15.01
C THR B 530 13.46 17.87 -13.58
N PHE B 531 14.74 17.93 -13.23
CA PHE B 531 15.16 18.32 -11.88
C PHE B 531 15.63 19.78 -11.88
N LYS B 532 14.66 20.68 -12.05
CA LYS B 532 14.96 22.10 -12.00
C LYS B 532 15.20 22.53 -10.56
N PRO B 533 16.30 23.22 -10.25
CA PRO B 533 16.57 23.55 -8.84
C PRO B 533 15.47 24.35 -8.16
N HIS B 534 14.78 25.25 -8.86
CA HIS B 534 13.80 26.11 -8.20
C HIS B 534 12.62 25.28 -7.67
N ARG B 535 12.08 24.40 -8.50
CA ARG B 535 10.98 23.56 -8.04
C ARG B 535 11.46 22.58 -6.97
N LEU B 536 12.72 22.15 -7.05
CA LEU B 536 13.25 21.27 -6.01
C LEU B 536 13.32 21.97 -4.66
N GLN B 537 13.76 23.24 -4.65
CA GLN B 537 13.76 24.00 -3.39
C GLN B 537 12.35 24.27 -2.92
N ALA B 538 11.41 24.51 -3.84
CA ALA B 538 10.02 24.65 -3.43
C ALA B 538 9.51 23.36 -2.77
N ARG B 539 9.86 22.22 -3.33
CA ARG B 539 9.49 20.93 -2.74
C ARG B 539 10.13 20.76 -1.37
N LYS B 540 11.40 21.17 -1.24
CA LYS B 540 12.06 21.07 0.06
C LYS B 540 11.37 21.93 1.10
N ALA B 541 10.98 23.15 0.72
CA ALA B 541 10.25 24.01 1.66
C ALA B 541 8.91 23.41 2.02
N MET B 542 8.20 22.84 1.04
CA MET B 542 6.90 22.22 1.33
C MET B 542 7.07 21.07 2.31
N TRP B 543 8.07 20.22 2.08
CA TRP B 543 8.31 19.10 2.99
C TRP B 543 8.71 19.60 4.37
N ARG B 544 9.52 20.65 4.44
CA ARG B 544 9.94 21.18 5.73
C ARG B 544 8.75 21.70 6.52
N LYS B 545 7.85 22.44 5.86
CA LYS B 545 6.66 22.93 6.58
C LYS B 545 5.72 21.81 6.94
N GLU B 546 5.59 20.78 6.09
CA GLU B 546 4.75 19.64 6.43
C GLU B 546 5.31 18.91 7.64
N GLN B 547 6.64 18.76 7.72
CA GLN B 547 7.25 18.14 8.88
C GLN B 547 7.12 19.01 10.13
N ASP B 548 7.13 20.34 9.95
CA ASP B 548 6.86 21.22 11.08
C ASP B 548 5.44 21.00 11.60
N THR B 549 4.47 20.88 10.70
CA THR B 549 3.10 20.58 11.13
C THR B 549 3.03 19.21 11.81
N ARG B 550 3.76 18.23 11.29
CA ARG B 550 3.79 16.92 11.92
C ARG B 550 4.35 17.00 13.33
N ALA B 551 5.42 17.77 13.51
CA ALA B 551 5.98 17.95 14.85
C ALA B 551 5.00 18.66 15.77
N LEU B 552 4.25 19.63 15.23
CA LEU B 552 3.21 20.28 16.03
C LEU B 552 2.16 19.27 16.49
N ARG B 553 1.73 18.39 15.58
CA ARG B 553 0.76 17.36 15.96
C ARG B 553 1.34 16.44 17.02
N GLU B 554 2.61 16.05 16.86
CA GLU B 554 3.25 15.18 17.84
C GLU B 554 3.30 15.85 19.21
N GLN B 555 3.66 17.13 19.25
CA GLN B 555 3.70 17.87 20.52
C GLN B 555 2.31 18.07 21.09
N SER B 556 1.27 18.06 20.26
CA SER B 556 -0.09 18.20 20.77
C SER B 556 -0.46 17.05 21.68
N GLN B 557 -0.08 15.83 21.31
CA GLN B 557 -0.36 14.66 22.12
C GLN B 557 0.47 14.67 23.40
N GLU C 394 23.31 -3.54 40.62
CA GLU C 394 22.71 -2.62 39.66
C GLU C 394 22.48 -3.32 38.33
N GLN C 395 21.48 -2.84 37.58
CA GLN C 395 21.15 -3.42 36.28
C GLN C 395 21.83 -2.64 35.17
N LYS C 396 22.30 -3.36 34.16
CA LYS C 396 22.98 -2.75 33.02
C LYS C 396 22.10 -2.85 31.79
N PHE C 397 22.02 -1.75 31.04
CA PHE C 397 21.31 -1.75 29.77
C PHE C 397 22.21 -2.36 28.69
N TYR C 398 21.60 -3.14 27.80
CA TYR C 398 22.33 -3.80 26.73
C TYR C 398 21.79 -3.32 25.39
N ASN C 399 22.69 -3.00 24.47
CA ASN C 399 22.30 -2.37 23.22
C ASN C 399 21.34 -3.26 22.42
N PHE C 400 21.72 -4.51 22.20
CA PHE C 400 20.92 -5.43 21.40
C PHE C 400 21.03 -6.83 21.98
N VAL C 401 20.02 -7.64 21.72
CA VAL C 401 19.92 -9.00 22.26
C VAL C 401 19.52 -9.93 21.12
N ILE C 402 20.20 -11.06 21.01
CA ILE C 402 19.91 -12.09 20.02
C ILE C 402 19.34 -13.30 20.75
N LEU C 403 18.02 -13.46 20.65
CA LEU C 403 17.39 -14.65 21.21
C LEU C 403 17.68 -15.85 20.33
N HIS C 404 17.97 -17.00 20.96
CA HIS C 404 18.32 -18.19 20.22
C HIS C 404 18.06 -19.42 21.08
N ALA C 405 18.08 -20.57 20.43
CA ALA C 405 17.80 -21.84 21.10
C ALA C 405 19.04 -22.32 21.85
N ARG C 406 18.98 -23.55 22.38
CA ARG C 406 20.09 -24.06 23.19
C ARG C 406 21.30 -24.37 22.32
N ALA C 407 21.10 -24.96 21.15
CA ALA C 407 22.19 -25.41 20.29
C ALA C 407 22.60 -24.36 19.26
N ASP C 408 22.45 -23.08 19.59
CA ASP C 408 22.73 -22.00 18.66
C ASP C 408 23.78 -21.03 19.17
N GLU C 409 24.31 -21.23 20.38
CA GLU C 409 25.15 -20.22 21.01
C GLU C 409 26.38 -19.90 20.17
N HIS C 410 26.91 -20.89 19.44
CA HIS C 410 28.12 -20.65 18.67
C HIS C 410 27.90 -19.55 17.63
N ILE C 411 26.88 -19.71 16.78
CA ILE C 411 26.62 -18.66 15.80
C ILE C 411 26.05 -17.43 16.47
N ALA C 412 25.41 -17.59 17.64
CA ALA C 412 24.94 -16.42 18.37
C ALA C 412 26.10 -15.48 18.69
N LEU C 413 27.15 -16.00 19.32
CA LEU C 413 28.27 -15.13 19.65
C LEU C 413 29.09 -14.79 18.42
N ARG C 414 29.08 -15.63 17.39
CA ARG C 414 29.71 -15.25 16.13
C ARG C 414 29.09 -13.98 15.57
N VAL C 415 27.76 -13.94 15.49
CA VAL C 415 27.06 -12.77 14.99
C VAL C 415 27.24 -11.59 15.94
N ARG C 416 27.26 -11.85 17.25
CA ARG C 416 27.45 -10.75 18.20
C ARG C 416 28.81 -10.09 17.99
N GLU C 417 29.86 -10.89 17.82
CA GLU C 417 31.20 -10.33 17.58
C GLU C 417 31.25 -9.64 16.23
N LYS C 418 30.62 -10.22 15.21
CA LYS C 418 30.54 -9.55 13.92
C LYS C 418 29.93 -8.16 14.06
N LEU C 419 28.87 -8.05 14.87
CA LEU C 419 28.27 -6.75 15.11
C LEU C 419 29.21 -5.81 15.86
N GLU C 420 29.85 -6.31 16.92
CA GLU C 420 30.80 -5.47 17.65
C GLU C 420 31.86 -4.91 16.72
N ALA C 421 32.30 -5.70 15.75
CA ALA C 421 33.29 -5.23 14.79
C ALA C 421 32.76 -4.08 13.93
N LEU C 422 31.43 -3.96 13.80
CA LEU C 422 30.84 -2.94 12.95
C LEU C 422 30.64 -1.61 13.66
N GLY C 423 30.85 -1.54 14.97
CA GLY C 423 30.81 -0.27 15.67
C GLY C 423 29.65 -0.11 16.64
N VAL C 424 28.89 -1.16 16.87
CA VAL C 424 27.77 -1.14 17.82
C VAL C 424 28.28 -1.65 19.15
N PRO C 425 28.23 -0.84 20.22
CA PRO C 425 28.75 -1.30 21.52
C PRO C 425 27.67 -1.93 22.38
N ASP C 426 28.10 -2.45 23.53
CA ASP C 426 27.23 -3.06 24.53
C ASP C 426 26.36 -4.15 23.90
N GLY C 427 27.03 -5.17 23.37
CA GLY C 427 26.32 -6.30 22.79
C GLY C 427 25.76 -7.23 23.86
N ALA C 428 24.99 -8.21 23.40
CA ALA C 428 24.37 -9.17 24.31
C ALA C 428 23.79 -10.33 23.51
N THR C 429 23.81 -11.51 24.12
CA THR C 429 23.14 -12.68 23.59
C THR C 429 22.35 -13.35 24.71
N PHE C 430 21.29 -14.06 24.32
CA PHE C 430 20.30 -14.52 25.29
C PHE C 430 20.91 -15.42 26.35
N CYS C 431 21.77 -16.35 25.94
CA CYS C 431 22.31 -17.35 26.84
C CYS C 431 23.64 -16.95 27.47
N GLU C 432 23.97 -15.66 27.49
CA GLU C 432 25.26 -15.21 27.97
C GLU C 432 25.17 -14.30 29.19
N ASP C 433 24.35 -13.23 29.15
CA ASP C 433 24.27 -12.28 30.24
C ASP C 433 22.91 -12.27 30.94
N PHE C 434 21.96 -13.08 30.49
CA PHE C 434 20.61 -13.05 31.06
C PHE C 434 20.26 -14.32 31.81
N GLN C 435 20.43 -15.49 31.20
CA GLN C 435 20.22 -16.75 31.90
C GLN C 435 21.28 -16.90 32.98
N VAL C 436 20.87 -16.81 34.24
CA VAL C 436 21.80 -16.91 35.36
C VAL C 436 22.07 -18.38 35.68
N CYS C 444 11.58 -14.42 33.45
CA CYS C 444 12.71 -15.05 32.79
C CYS C 444 13.11 -14.28 31.54
N LEU C 445 12.46 -14.57 30.42
CA LEU C 445 12.76 -13.86 29.18
C LEU C 445 12.35 -12.40 29.27
N GLN C 446 11.26 -12.09 29.97
CA GLN C 446 10.87 -10.70 30.15
C GLN C 446 11.99 -9.88 30.76
N ASP C 447 12.81 -10.50 31.60
CA ASP C 447 13.95 -9.81 32.19
C ASP C 447 14.88 -9.28 31.10
N ALA C 448 15.10 -10.06 30.04
CA ALA C 448 15.89 -9.58 28.91
C ALA C 448 15.10 -8.62 28.04
N ILE C 449 13.79 -8.83 27.94
CA ILE C 449 12.97 -7.99 27.06
C ILE C 449 12.98 -6.54 27.54
N ASP C 450 12.78 -6.33 28.85
CA ASP C 450 12.66 -4.96 29.35
C ASP C 450 14.01 -4.27 29.50
N HIS C 451 15.12 -5.01 29.47
CA HIS C 451 16.45 -4.46 29.67
C HIS C 451 17.24 -4.41 28.36
N SER C 452 16.57 -4.44 27.22
CA SER C 452 17.22 -4.39 25.91
C SER C 452 16.52 -3.35 25.04
N ALA C 453 17.29 -2.71 24.18
CA ALA C 453 16.77 -1.66 23.31
C ALA C 453 16.19 -2.26 22.03
N PHE C 454 17.02 -2.95 21.25
CA PHE C 454 16.62 -3.51 19.97
C PHE C 454 16.77 -5.03 20.04
N ILE C 455 15.65 -5.74 19.88
CA ILE C 455 15.66 -7.19 19.97
C ILE C 455 16.04 -7.76 18.61
N ILE C 456 16.91 -8.76 18.61
CA ILE C 456 17.35 -9.45 17.41
C ILE C 456 16.78 -10.86 17.45
N LEU C 457 16.01 -11.22 16.42
CA LEU C 457 15.42 -12.55 16.31
C LEU C 457 16.18 -13.30 15.21
N LEU C 458 17.09 -14.15 15.62
CA LEU C 458 17.95 -14.90 14.69
C LEU C 458 17.17 -16.10 14.18
N LEU C 459 16.64 -15.99 12.96
CA LEU C 459 15.97 -17.13 12.33
C LEU C 459 16.99 -18.18 11.94
N THR C 460 16.68 -19.45 12.23
CA THR C 460 17.57 -20.55 11.91
C THR C 460 16.77 -21.85 11.95
N SER C 461 17.47 -22.95 11.65
CA SER C 461 16.81 -24.25 11.58
C SER C 461 16.26 -24.67 12.94
N ASN C 462 17.02 -24.43 14.02
CA ASN C 462 16.63 -24.86 15.35
C ASN C 462 15.82 -23.81 16.10
N PHE C 463 15.35 -22.77 15.41
CA PHE C 463 14.47 -21.76 16.00
C PHE C 463 13.00 -22.00 15.67
N ASP C 464 12.69 -23.12 15.00
CA ASP C 464 11.31 -23.42 14.63
C ASP C 464 10.48 -23.94 15.80
N CYS C 465 11.11 -24.32 16.90
CA CYS C 465 10.37 -24.78 18.06
C CYS C 465 9.42 -23.70 18.55
N ARG C 466 8.21 -24.11 18.97
CA ARG C 466 7.19 -23.14 19.34
C ARG C 466 7.55 -22.36 20.60
N LEU C 467 8.58 -22.78 21.35
CA LEU C 467 9.09 -21.92 22.41
C LEU C 467 9.62 -20.62 21.83
N SER C 468 10.34 -20.71 20.71
CA SER C 468 10.74 -19.51 19.99
C SER C 468 9.53 -18.71 19.54
N LEU C 469 8.45 -19.39 19.14
CA LEU C 469 7.23 -18.70 18.76
C LEU C 469 6.66 -17.91 19.94
N HIS C 470 6.65 -18.52 21.12
CA HIS C 470 6.19 -17.82 22.31
C HIS C 470 7.07 -16.62 22.62
N GLN C 471 8.38 -16.78 22.48
CA GLN C 471 9.29 -15.65 22.70
C GLN C 471 8.99 -14.52 21.73
N VAL C 472 8.78 -14.86 20.46
CA VAL C 472 8.50 -13.84 19.44
C VAL C 472 7.22 -13.09 19.78
N ASN C 473 6.16 -13.84 20.11
CA ASN C 473 4.89 -13.21 20.43
C ASN C 473 5.00 -12.32 21.66
N GLN C 474 5.67 -12.82 22.71
CA GLN C 474 5.83 -12.02 23.92
C GLN C 474 6.60 -10.74 23.62
N ALA C 475 7.69 -10.85 22.86
CA ALA C 475 8.48 -9.67 22.54
C ALA C 475 7.66 -8.65 21.75
N MET C 476 6.93 -9.12 20.74
CA MET C 476 6.15 -8.20 19.91
C MET C 476 5.05 -7.53 20.72
N MET C 477 4.33 -8.29 21.54
CA MET C 477 3.24 -7.70 22.31
C MET C 477 3.77 -6.74 23.37
N SER C 478 4.92 -7.05 23.97
CA SER C 478 5.53 -6.11 24.90
C SER C 478 5.97 -4.84 24.19
N ASN C 479 6.55 -4.97 23.00
CA ASN C 479 6.98 -3.79 22.26
C ASN C 479 5.79 -2.92 21.87
N LEU C 480 4.70 -3.53 21.43
CA LEU C 480 3.50 -2.76 21.12
C LEU C 480 2.93 -2.10 22.37
N THR C 481 2.93 -2.81 23.50
CA THR C 481 2.44 -2.22 24.74
C THR C 481 3.31 -1.07 25.21
N ARG C 482 4.64 -1.24 25.12
CA ARG C 482 5.55 -0.21 25.60
C ARG C 482 5.45 1.04 24.72
N GLN C 483 5.84 2.17 25.29
CA GLN C 483 5.68 3.47 24.64
C GLN C 483 6.89 3.81 23.78
N GLY C 484 6.62 4.17 22.53
CA GLY C 484 7.66 4.57 21.60
C GLY C 484 8.34 3.38 20.95
N SER C 485 9.28 3.70 20.05
CA SER C 485 10.12 2.70 19.41
C SER C 485 9.29 1.61 18.76
N PRO C 486 8.67 1.89 17.60
CA PRO C 486 7.84 0.87 16.95
C PRO C 486 8.63 -0.27 16.31
N ASP C 487 9.93 -0.10 16.07
CA ASP C 487 10.70 -1.03 15.25
C ASP C 487 11.97 -1.50 15.97
N CYS C 488 11.81 -1.95 17.22
CA CYS C 488 12.96 -2.48 17.95
C CYS C 488 13.33 -3.87 17.48
N VAL C 489 12.35 -4.69 17.12
CA VAL C 489 12.60 -6.09 16.79
C VAL C 489 13.17 -6.16 15.37
N ILE C 490 14.41 -6.63 15.26
CA ILE C 490 15.13 -6.70 13.99
C ILE C 490 15.40 -8.17 13.70
N PRO C 491 14.66 -8.80 12.79
CA PRO C 491 14.97 -10.19 12.41
C PRO C 491 16.35 -10.29 11.76
N PHE C 492 16.93 -11.48 11.85
CA PHE C 492 18.27 -11.73 11.34
C PHE C 492 18.27 -13.02 10.54
N LEU C 493 19.18 -13.10 9.58
CA LEU C 493 19.30 -14.27 8.69
C LEU C 493 20.77 -14.57 8.47
N PRO C 494 21.39 -15.42 9.31
CA PRO C 494 22.81 -15.76 9.12
C PRO C 494 23.06 -16.59 7.88
N LEU C 495 24.33 -16.98 7.67
CA LEU C 495 24.69 -17.75 6.50
C LEU C 495 24.15 -19.17 6.59
N GLU C 496 24.22 -19.77 7.78
CA GLU C 496 23.85 -21.17 7.95
C GLU C 496 22.36 -21.41 7.74
N SER C 497 21.54 -20.36 7.71
CA SER C 497 20.11 -20.48 7.49
C SER C 497 19.77 -19.85 6.14
N SER C 498 19.32 -20.68 5.20
CA SER C 498 18.98 -20.18 3.88
C SER C 498 17.68 -19.37 3.95
N PRO C 499 17.48 -18.46 2.99
CA PRO C 499 16.20 -17.72 2.96
C PRO C 499 14.99 -18.63 2.77
N ALA C 500 15.15 -19.75 2.07
CA ALA C 500 14.02 -20.61 1.74
C ALA C 500 13.69 -21.61 2.85
N GLN C 501 14.58 -21.79 3.83
CA GLN C 501 14.36 -22.76 4.89
C GLN C 501 13.77 -22.14 6.15
N LEU C 502 13.36 -20.87 6.09
CA LEU C 502 12.81 -20.21 7.27
C LEU C 502 11.61 -20.97 7.80
N SER C 503 11.55 -21.12 9.13
CA SER C 503 10.46 -21.85 9.75
C SER C 503 9.12 -21.18 9.45
N SER C 504 8.09 -22.00 9.26
CA SER C 504 6.79 -21.48 8.84
C SER C 504 6.24 -20.50 9.88
N ASP C 505 6.16 -20.93 11.14
CA ASP C 505 5.52 -20.10 12.15
C ASP C 505 6.34 -18.84 12.45
N THR C 506 7.62 -19.01 12.76
CA THR C 506 8.46 -17.87 13.10
C THR C 506 8.54 -16.88 11.94
N ALA C 507 8.80 -17.39 10.73
CA ALA C 507 8.88 -16.51 9.57
C ALA C 507 7.54 -15.82 9.30
N SER C 508 6.43 -16.54 9.47
CA SER C 508 5.13 -15.92 9.29
C SER C 508 4.93 -14.76 10.27
N LEU C 509 5.36 -14.96 11.52
CA LEU C 509 5.31 -13.87 12.49
C LEU C 509 6.23 -12.71 12.14
N LEU C 510 7.16 -12.91 11.21
CA LEU C 510 8.12 -11.87 10.82
C LEU C 510 7.98 -11.50 9.34
N SER C 511 6.84 -11.82 8.72
CA SER C 511 6.70 -11.57 7.29
C SER C 511 6.69 -10.09 6.97
N GLY C 512 6.03 -9.27 7.80
CA GLY C 512 5.84 -7.88 7.48
C GLY C 512 6.83 -6.94 8.13
N LEU C 513 8.11 -7.34 8.17
CA LEU C 513 9.15 -6.53 8.75
C LEU C 513 10.44 -6.71 7.94
N VAL C 514 11.35 -5.74 8.11
CA VAL C 514 12.64 -5.82 7.45
C VAL C 514 13.40 -7.03 7.95
N ARG C 515 14.25 -7.60 7.09
CA ARG C 515 15.02 -8.79 7.40
C ARG C 515 16.50 -8.50 7.17
N LEU C 516 17.31 -8.74 8.19
CA LEU C 516 18.76 -8.56 8.09
C LEU C 516 19.39 -9.87 7.66
N ASP C 517 20.14 -9.82 6.55
CA ASP C 517 20.77 -11.02 6.00
C ASP C 517 22.20 -10.70 5.61
N GLU C 518 23.13 -11.54 6.05
CA GLU C 518 24.52 -11.40 5.61
C GLU C 518 24.72 -11.87 4.19
N HIS C 519 23.74 -12.56 3.60
CA HIS C 519 23.82 -12.88 2.17
C HIS C 519 23.88 -11.60 1.34
N SER C 520 23.15 -10.57 1.75
CA SER C 520 23.21 -9.28 1.07
C SER C 520 24.56 -8.63 1.30
N GLN C 521 24.97 -7.81 0.33
CA GLN C 521 26.23 -7.08 0.40
C GLN C 521 26.08 -5.70 1.00
N ILE C 522 24.88 -5.31 1.42
CA ILE C 522 24.61 -3.98 1.93
C ILE C 522 24.49 -4.05 3.45
N PHE C 523 25.13 -5.05 4.05
CA PHE C 523 25.02 -5.25 5.49
C PHE C 523 25.59 -4.08 6.27
N ALA C 524 26.71 -3.51 5.80
CA ALA C 524 27.30 -2.37 6.50
C ALA C 524 26.30 -1.24 6.63
N ARG C 525 25.71 -0.83 5.50
CA ARG C 525 24.72 0.24 5.54
C ARG C 525 23.48 -0.16 6.32
N LYS C 526 23.08 -1.43 6.24
CA LYS C 526 21.90 -1.87 6.99
C LYS C 526 22.11 -1.66 8.49
N VAL C 527 23.24 -2.14 9.02
CA VAL C 527 23.49 -1.96 10.44
C VAL C 527 23.71 -0.49 10.77
N ALA C 528 24.34 0.27 9.87
CA ALA C 528 24.60 1.68 10.14
C ALA C 528 23.31 2.47 10.26
N ASN C 529 22.34 2.22 9.37
CA ASN C 529 21.12 3.01 9.35
C ASN C 529 20.04 2.46 10.28
N THR C 530 20.08 1.18 10.63
CA THR C 530 19.12 0.68 11.60
C THR C 530 19.49 1.11 13.03
N PHE C 531 20.78 1.11 13.35
CA PHE C 531 21.25 1.51 14.68
C PHE C 531 21.76 2.95 14.64
N LYS C 532 20.83 3.87 14.49
CA LYS C 532 21.18 5.29 14.51
C LYS C 532 21.46 5.73 15.95
N PRO C 533 22.59 6.39 16.22
CA PRO C 533 22.91 6.73 17.61
C PRO C 533 21.85 7.57 18.31
N HIS C 534 21.19 8.48 17.61
CA HIS C 534 20.25 9.38 18.27
C HIS C 534 19.07 8.61 18.85
N ARG C 535 18.46 7.74 18.05
CA ARG C 535 17.35 6.94 18.55
C ARG C 535 17.82 5.96 19.61
N LEU C 536 19.06 5.48 19.52
CA LEU C 536 19.59 4.60 20.55
C LEU C 536 19.71 5.32 21.88
N GLN C 537 20.21 6.57 21.88
CA GLN C 537 20.26 7.34 23.11
C GLN C 537 18.87 7.67 23.62
N ALA C 538 17.91 7.93 22.72
CA ALA C 538 16.54 8.12 23.16
C ALA C 538 16.00 6.87 23.85
N ARG C 539 16.30 5.70 23.29
CA ARG C 539 15.89 4.45 23.91
C ARG C 539 16.57 4.27 25.27
N LYS C 540 17.85 4.63 25.37
CA LYS C 540 18.55 4.52 26.65
C LYS C 540 17.90 5.42 27.69
N ALA C 541 17.55 6.65 27.31
CA ALA C 541 16.88 7.54 28.25
C ALA C 541 15.52 7.00 28.66
N MET C 542 14.77 6.44 27.70
CA MET C 542 13.46 5.88 28.03
C MET C 542 13.61 4.73 29.02
N TRP C 543 14.58 3.84 28.78
CA TRP C 543 14.80 2.73 29.69
C TRP C 543 15.24 3.23 31.06
N ARG C 544 16.10 4.25 31.09
CA ARG C 544 16.57 4.79 32.36
C ARG C 544 15.41 5.36 33.18
N LYS C 545 14.52 6.12 32.53
CA LYS C 545 13.38 6.66 33.27
C LYS C 545 12.39 5.57 33.67
N GLU C 546 12.21 4.55 32.83
CA GLU C 546 11.35 3.45 33.22
C GLU C 546 11.91 2.70 34.42
N GLN C 547 13.23 2.51 34.47
CA GLN C 547 13.84 1.88 35.63
C GLN C 547 13.78 2.78 36.86
N ASP C 548 13.83 4.10 36.66
CA ASP C 548 13.61 5.01 37.78
C ASP C 548 12.21 4.85 38.35
N THR C 549 11.22 4.75 37.47
CA THR C 549 9.85 4.50 37.93
C THR C 549 9.74 3.15 38.65
N ARG C 550 10.43 2.14 38.11
CA ARG C 550 10.42 0.82 38.76
C ARG C 550 11.02 0.90 40.16
N ALA C 551 12.12 1.65 40.30
CA ALA C 551 12.72 1.82 41.63
C ALA C 551 11.78 2.58 42.55
N LEU C 552 11.06 3.56 42.02
CA LEU C 552 10.06 4.27 42.84
C LEU C 552 8.99 3.31 43.33
N ARG C 553 8.50 2.43 42.45
CA ARG C 553 7.52 1.43 42.86
C ARG C 553 8.09 0.51 43.92
N GLU C 554 9.34 0.06 43.74
CA GLU C 554 9.97 -0.81 44.72
C GLU C 554 10.07 -0.12 46.08
N GLN C 555 10.49 1.14 46.09
CA GLN C 555 10.58 1.89 47.34
C GLN C 555 9.20 2.15 47.95
N SER C 556 8.15 2.17 47.13
CA SER C 556 6.81 2.38 47.68
C SER C 556 6.42 1.24 48.62
N GLN C 557 6.75 0.00 48.25
CA GLN C 557 6.44 -1.14 49.10
C GLN C 557 7.31 -1.15 50.35
N GLU D 394 -6.49 -44.57 41.68
CA GLU D 394 -6.39 -44.13 40.30
C GLU D 394 -6.41 -42.61 40.23
N GLN D 395 -5.79 -42.05 39.18
CA GLN D 395 -5.73 -40.62 38.98
C GLN D 395 -6.84 -40.18 38.04
N LYS D 396 -7.44 -39.03 38.34
CA LYS D 396 -8.52 -38.47 37.54
C LYS D 396 -8.02 -37.23 36.80
N PHE D 397 -8.37 -37.15 35.52
CA PHE D 397 -8.08 -35.95 34.75
C PHE D 397 -9.11 -34.88 35.05
N TYR D 398 -8.64 -33.63 35.13
CA TYR D 398 -9.50 -32.49 35.43
C TYR D 398 -9.46 -31.52 34.25
N ASN D 399 -10.64 -31.04 33.86
CA ASN D 399 -10.75 -30.23 32.64
C ASN D 399 -9.91 -28.97 32.74
N PHE D 400 -10.08 -28.20 33.82
CA PHE D 400 -9.37 -26.94 33.99
C PHE D 400 -9.04 -26.73 35.45
N VAL D 401 -8.00 -25.94 35.71
CA VAL D 401 -7.50 -25.70 37.06
C VAL D 401 -7.26 -24.20 37.21
N ILE D 402 -7.72 -23.65 38.33
CA ILE D 402 -7.53 -22.24 38.66
C ILE D 402 -6.55 -22.16 39.81
N LEU D 403 -5.30 -21.80 39.50
CA LEU D 403 -4.31 -21.57 40.55
C LEU D 403 -4.61 -20.25 41.26
N HIS D 404 -4.48 -20.26 42.59
CA HIS D 404 -4.79 -19.08 43.37
C HIS D 404 -4.05 -19.15 44.70
N ALA D 405 -4.04 -18.02 45.40
CA ALA D 405 -3.33 -17.90 46.68
C ALA D 405 -4.19 -18.49 47.79
N ARG D 406 -3.74 -18.32 49.04
CA ARG D 406 -4.44 -18.90 50.18
C ARG D 406 -5.77 -18.21 50.43
N ALA D 407 -5.80 -16.86 50.35
CA ALA D 407 -6.98 -16.08 50.68
C ALA D 407 -7.87 -15.81 49.47
N ASP D 408 -7.89 -16.71 48.49
CA ASP D 408 -8.62 -16.50 47.25
C ASP D 408 -9.66 -17.59 46.99
N GLU D 409 -9.76 -18.59 47.85
CA GLU D 409 -10.57 -19.77 47.55
C GLU D 409 -12.03 -19.40 47.30
N HIS D 410 -12.54 -18.37 47.97
CA HIS D 410 -13.95 -18.01 47.80
C HIS D 410 -14.24 -17.66 46.35
N ILE D 411 -13.51 -16.70 45.78
CA ILE D 411 -13.75 -16.37 44.39
C ILE D 411 -13.25 -17.47 43.48
N ALA D 412 -12.29 -18.28 43.92
CA ALA D 412 -11.88 -19.42 43.11
C ALA D 412 -13.05 -20.34 42.82
N LEU D 413 -13.76 -20.77 43.88
CA LEU D 413 -14.88 -21.67 43.64
C LEU D 413 -16.08 -20.93 43.07
N ARG D 414 -16.18 -19.61 43.31
CA ARG D 414 -17.22 -18.84 42.63
C ARG D 414 -17.04 -18.90 41.11
N VAL D 415 -15.82 -18.66 40.64
CA VAL D 415 -15.54 -18.73 39.21
C VAL D 415 -15.67 -20.15 38.71
N ARG D 416 -15.26 -21.14 39.51
CA ARG D 416 -15.39 -22.52 39.07
C ARG D 416 -16.85 -22.89 38.83
N GLU D 417 -17.73 -22.51 39.76
CA GLU D 417 -19.15 -22.79 39.59
C GLU D 417 -19.73 -21.99 38.43
N LYS D 418 -19.32 -20.74 38.27
CA LYS D 418 -19.74 -19.97 37.11
C LYS D 418 -19.39 -20.70 35.82
N LEU D 419 -18.19 -21.29 35.75
CA LEU D 419 -17.81 -22.05 34.58
C LEU D 419 -18.66 -23.31 34.43
N GLU D 420 -18.87 -24.05 35.52
CA GLU D 420 -19.70 -25.25 35.42
C GLU D 420 -21.08 -24.90 34.86
N ALA D 421 -21.63 -23.74 35.24
CA ALA D 421 -22.91 -23.32 34.72
C ALA D 421 -22.88 -23.09 33.21
N LEU D 422 -21.71 -22.83 32.64
CA LEU D 422 -21.59 -22.54 31.21
C LEU D 422 -21.46 -23.78 30.34
N GLY D 423 -21.30 -24.97 30.94
CA GLY D 423 -21.30 -26.20 30.18
C GLY D 423 -19.98 -26.92 30.10
N VAL D 424 -18.98 -26.46 30.86
CA VAL D 424 -17.67 -27.12 30.91
C VAL D 424 -17.67 -28.07 32.10
N PRO D 425 -17.47 -29.37 31.88
CA PRO D 425 -17.50 -30.33 32.99
C PRO D 425 -16.11 -30.57 33.58
N ASP D 426 -16.10 -31.35 34.66
CA ASP D 426 -14.86 -31.76 35.34
C ASP D 426 -14.02 -30.54 35.71
N GLY D 427 -14.59 -29.67 36.54
CA GLY D 427 -13.87 -28.51 37.02
C GLY D 427 -12.87 -28.86 38.09
N ALA D 428 -12.09 -27.84 38.48
CA ALA D 428 -11.06 -28.04 39.49
C ALA D 428 -10.50 -26.70 39.93
N THR D 429 -10.13 -26.61 41.20
CA THR D 429 -9.41 -25.47 41.75
C THR D 429 -8.24 -25.96 42.56
N PHE D 430 -7.21 -25.11 42.66
CA PHE D 430 -5.90 -25.54 43.15
C PHE D 430 -6.00 -26.08 44.58
N CYS D 431 -6.74 -25.40 45.44
CA CYS D 431 -6.80 -25.74 46.86
C CYS D 431 -7.95 -26.68 47.21
N GLU D 432 -8.50 -27.40 46.23
CA GLU D 432 -9.67 -28.24 46.47
C GLU D 432 -9.41 -29.72 46.22
N ASP D 433 -8.87 -30.09 45.06
CA ASP D 433 -8.65 -31.49 44.71
C ASP D 433 -7.18 -31.87 44.60
N PHE D 434 -6.26 -30.94 44.77
CA PHE D 434 -4.84 -31.23 44.59
C PHE D 434 -4.05 -31.17 45.89
N GLN D 435 -4.16 -30.09 46.64
CA GLN D 435 -3.50 -30.02 47.95
C GLN D 435 -4.17 -31.02 48.89
N VAL D 436 -3.44 -32.07 49.24
CA VAL D 436 -3.98 -33.11 50.11
C VAL D 436 -3.84 -32.68 51.57
N CYS D 444 4.59 -31.19 44.00
CA CYS D 444 3.46 -30.47 44.59
C CYS D 444 2.57 -29.87 43.50
N LEU D 445 2.93 -28.67 43.05
CA LEU D 445 2.15 -28.03 41.99
C LEU D 445 2.27 -28.78 40.67
N GLN D 446 3.44 -29.36 40.40
CA GLN D 446 3.59 -30.15 39.18
C GLN D 446 2.54 -31.26 39.12
N ASP D 447 2.13 -31.78 40.27
CA ASP D 447 1.09 -32.81 40.30
C ASP D 447 -0.19 -32.30 39.65
N ALA D 448 -0.54 -31.04 39.91
CA ALA D 448 -1.70 -30.45 39.26
C ALA D 448 -1.40 -30.07 37.81
N ILE D 449 -0.15 -29.68 37.54
CA ILE D 449 0.19 -29.22 36.18
C ILE D 449 0.04 -30.37 35.18
N ASP D 450 0.56 -31.56 35.53
CA ASP D 450 0.55 -32.65 34.57
C ASP D 450 -0.81 -33.34 34.47
N HIS D 451 -1.71 -33.11 35.43
CA HIS D 451 -3.01 -33.75 35.45
C HIS D 451 -4.14 -32.80 35.09
N SER D 452 -3.82 -31.70 34.40
CA SER D 452 -4.82 -30.73 33.97
C SER D 452 -4.61 -30.40 32.49
N ALA D 453 -5.72 -30.12 31.81
CA ALA D 453 -5.67 -29.82 30.38
C ALA D 453 -5.38 -28.35 30.13
N PHE D 454 -6.25 -27.46 30.62
CA PHE D 454 -6.14 -26.03 30.41
C PHE D 454 -5.95 -25.35 31.76
N ILE D 455 -4.82 -24.69 31.94
CA ILE D 455 -4.51 -24.02 33.20
C ILE D 455 -5.14 -22.64 33.19
N ILE D 456 -5.76 -22.27 34.30
CA ILE D 456 -6.38 -20.96 34.48
C ILE D 456 -5.57 -20.20 35.51
N LEU D 457 -5.07 -19.03 35.12
CA LEU D 457 -4.28 -18.17 35.99
C LEU D 457 -5.16 -16.98 36.37
N LEU D 458 -5.74 -17.03 37.57
CA LEU D 458 -6.65 -16.00 38.03
C LEU D 458 -5.84 -14.83 38.58
N LEU D 459 -5.72 -13.77 37.78
CA LEU D 459 -5.05 -12.56 38.25
C LEU D 459 -5.91 -11.86 39.28
N THR D 460 -5.28 -11.41 40.37
CA THR D 460 -5.99 -10.72 41.43
C THR D 460 -4.98 -9.97 42.29
N SER D 461 -5.50 -9.26 43.30
CA SER D 461 -4.66 -8.45 44.17
C SER D 461 -3.67 -9.31 44.94
N ASN D 462 -4.12 -10.46 45.46
CA ASN D 462 -3.29 -11.31 46.29
C ASN D 462 -2.53 -12.36 45.49
N PHE D 463 -2.48 -12.22 44.16
CA PHE D 463 -1.69 -13.10 43.31
C PHE D 463 -0.35 -12.47 42.91
N ASP D 464 -0.03 -11.30 43.44
CA ASP D 464 1.22 -10.62 43.11
C ASP D 464 2.43 -11.21 43.82
N CYS D 465 2.23 -12.07 44.82
CA CYS D 465 3.35 -12.70 45.49
C CYS D 465 4.17 -13.52 44.50
N ARG D 466 5.49 -13.48 44.66
CA ARG D 466 6.37 -14.13 43.70
C ARG D 466 6.24 -15.65 43.71
N LEU D 467 5.57 -16.22 44.72
CA LEU D 467 5.23 -17.64 44.64
C LEU D 467 4.31 -17.89 43.44
N SER D 468 3.34 -17.00 43.24
CA SER D 468 2.52 -17.05 42.04
C SER D 468 3.36 -16.89 40.78
N LEU D 469 4.39 -16.04 40.85
CA LEU D 469 5.30 -15.88 39.71
C LEU D 469 6.02 -17.19 39.40
N HIS D 470 6.49 -17.89 40.43
CA HIS D 470 7.13 -19.19 40.23
C HIS D 470 6.15 -20.18 39.64
N GLN D 471 4.91 -20.19 40.12
CA GLN D 471 3.90 -21.09 39.55
C GLN D 471 3.69 -20.78 38.08
N VAL D 472 3.58 -19.50 37.72
CA VAL D 472 3.35 -19.12 36.33
C VAL D 472 4.51 -19.59 35.46
N ASN D 473 5.75 -19.32 35.90
CA ASN D 473 6.90 -19.72 35.11
C ASN D 473 6.97 -21.23 34.96
N GLN D 474 6.75 -21.97 36.05
CA GLN D 474 6.79 -23.42 35.96
C GLN D 474 5.73 -23.94 34.99
N ALA D 475 4.51 -23.40 35.08
CA ALA D 475 3.44 -23.85 34.19
C ALA D 475 3.79 -23.57 32.74
N MET D 476 4.28 -22.36 32.45
CA MET D 476 4.60 -22.00 31.07
C MET D 476 5.73 -22.86 30.52
N MET D 477 6.78 -23.06 31.30
CA MET D 477 7.91 -23.85 30.81
C MET D 477 7.52 -25.31 30.63
N SER D 478 6.67 -25.84 31.52
CA SER D 478 6.20 -27.20 31.34
C SER D 478 5.34 -27.32 30.09
N ASN D 479 4.47 -26.32 29.85
CA ASN D 479 3.62 -26.36 28.66
C ASN D 479 4.46 -26.28 27.38
N LEU D 480 5.48 -25.43 27.37
CA LEU D 480 6.36 -25.38 26.21
C LEU D 480 7.13 -26.68 26.03
N THR D 481 7.59 -27.29 27.14
CA THR D 481 8.29 -28.56 27.04
C THR D 481 7.37 -29.67 26.56
N ARG D 482 6.15 -29.72 27.07
CA ARG D 482 5.22 -30.78 26.69
C ARG D 482 4.83 -30.65 25.22
N GLN D 483 4.39 -31.76 24.65
CA GLN D 483 4.11 -31.84 23.22
C GLN D 483 2.66 -31.47 22.93
N GLY D 484 2.48 -30.55 21.99
CA GLY D 484 1.16 -30.13 21.57
C GLY D 484 0.56 -29.08 22.48
N SER D 485 -0.63 -28.63 22.11
CA SER D 485 -1.40 -27.71 22.93
C SER D 485 -0.60 -26.46 23.29
N PRO D 486 -0.39 -25.54 22.35
CA PRO D 486 0.39 -24.34 22.66
C PRO D 486 -0.31 -23.34 23.57
N ASP D 487 -1.63 -23.42 23.73
CA ASP D 487 -2.41 -22.37 24.39
C ASP D 487 -3.30 -22.94 25.49
N CYS D 488 -2.71 -23.75 26.38
CA CYS D 488 -3.47 -24.28 27.50
C CYS D 488 -3.69 -23.23 28.59
N VAL D 489 -2.70 -22.36 28.81
CA VAL D 489 -2.76 -21.41 29.91
C VAL D 489 -3.68 -20.26 29.52
N ILE D 490 -4.79 -20.12 30.25
CA ILE D 490 -5.81 -19.12 29.97
C ILE D 490 -5.86 -18.16 31.16
N PRO D 491 -5.30 -16.96 31.06
CA PRO D 491 -5.44 -15.99 32.14
C PRO D 491 -6.90 -15.60 32.37
N PHE D 492 -7.18 -15.16 33.59
CA PHE D 492 -8.55 -14.81 34.00
C PHE D 492 -8.52 -13.46 34.71
N LEU D 493 -9.63 -12.75 34.64
CA LEU D 493 -9.77 -11.43 35.26
C LEU D 493 -11.15 -11.31 35.88
N PRO D 494 -11.32 -11.68 37.15
CA PRO D 494 -12.64 -11.58 37.79
C PRO D 494 -13.08 -10.14 38.02
N LEU D 495 -14.25 -9.97 38.64
CA LEU D 495 -14.77 -8.63 38.88
C LEU D 495 -13.96 -7.90 39.95
N GLU D 496 -13.57 -8.62 41.00
CA GLU D 496 -12.89 -8.00 42.14
C GLU D 496 -11.51 -7.48 41.79
N SER D 497 -10.96 -7.86 40.64
CA SER D 497 -9.65 -7.39 40.19
C SER D 497 -9.84 -6.52 38.97
N SER D 498 -9.53 -5.23 39.10
CA SER D 498 -9.68 -4.30 38.00
C SER D 498 -8.61 -4.57 36.93
N PRO D 499 -8.86 -4.19 35.69
CA PRO D 499 -7.82 -4.34 34.66
C PRO D 499 -6.57 -3.54 34.95
N ALA D 500 -6.69 -2.39 35.63
CA ALA D 500 -5.55 -1.52 35.86
C ALA D 500 -4.74 -1.88 37.09
N GLN D 501 -5.25 -2.77 37.95
CA GLN D 501 -4.56 -3.15 39.17
C GLN D 501 -3.77 -4.44 39.02
N LEU D 502 -3.65 -4.97 37.81
CA LEU D 502 -2.92 -6.22 37.61
C LEU D 502 -1.49 -6.10 38.12
N SER D 503 -1.03 -7.14 38.80
CA SER D 503 0.32 -7.13 39.36
C SER D 503 1.35 -7.01 38.25
N SER D 504 2.42 -6.28 38.54
CA SER D 504 3.42 -6.00 37.51
C SER D 504 4.05 -7.28 36.97
N ASP D 505 4.56 -8.12 37.86
CA ASP D 505 5.29 -9.31 37.42
C ASP D 505 4.36 -10.31 36.75
N THR D 506 3.27 -10.70 37.43
CA THR D 506 2.37 -11.69 36.88
C THR D 506 1.77 -11.22 35.56
N ALA D 507 1.29 -9.97 35.53
CA ALA D 507 0.71 -9.45 34.30
C ALA D 507 1.74 -9.36 33.18
N SER D 508 2.98 -8.97 33.52
CA SER D 508 4.03 -8.93 32.52
C SER D 508 4.27 -10.31 31.92
N LEU D 509 4.26 -11.35 32.77
CA LEU D 509 4.37 -12.71 32.28
C LEU D 509 3.19 -13.14 31.42
N LEU D 510 2.07 -12.39 31.46
CA LEU D 510 0.87 -12.73 30.71
C LEU D 510 0.50 -11.64 29.71
N SER D 511 1.45 -10.79 29.34
CA SER D 511 1.14 -9.66 28.47
C SER D 511 0.76 -10.14 27.06
N GLY D 512 1.45 -11.15 26.55
CA GLY D 512 1.27 -11.57 25.18
C GLY D 512 0.34 -12.75 24.99
N LEU D 513 -0.77 -12.78 25.74
CA LEU D 513 -1.74 -13.84 25.63
C LEU D 513 -3.14 -13.27 25.82
N VAL D 514 -4.14 -14.02 25.37
CA VAL D 514 -5.53 -13.62 25.54
C VAL D 514 -5.86 -13.55 27.02
N ARG D 515 -6.78 -12.67 27.37
CA ARG D 515 -7.19 -12.45 28.75
C ARG D 515 -8.70 -12.63 28.86
N LEU D 516 -9.13 -13.49 29.77
CA LEU D 516 -10.54 -13.72 30.03
C LEU D 516 -11.01 -12.79 31.14
N ASP D 517 -12.03 -11.99 30.84
CA ASP D 517 -12.55 -11.01 31.79
C ASP D 517 -14.07 -11.06 31.79
N GLU D 518 -14.65 -11.15 32.99
CA GLU D 518 -16.10 -11.06 33.11
C GLU D 518 -16.61 -9.64 32.92
N HIS D 519 -15.72 -8.64 32.93
CA HIS D 519 -16.13 -7.29 32.60
C HIS D 519 -16.69 -7.24 31.18
N SER D 520 -16.09 -7.99 30.27
CA SER D 520 -16.58 -8.07 28.91
C SER D 520 -17.92 -8.81 28.87
N GLN D 521 -18.73 -8.46 27.88
CA GLN D 521 -20.04 -9.08 27.69
C GLN D 521 -20.01 -10.27 26.74
N ILE D 522 -18.83 -10.63 26.23
CA ILE D 522 -18.69 -11.71 25.25
C ILE D 522 -18.13 -12.94 25.96
N PHE D 523 -18.36 -13.04 27.26
CA PHE D 523 -17.81 -14.14 28.04
C PHE D 523 -18.35 -15.49 27.57
N ALA D 524 -19.64 -15.55 27.25
CA ALA D 524 -20.22 -16.81 26.78
C ALA D 524 -19.46 -17.34 25.57
N ARG D 525 -19.31 -16.50 24.55
CA ARG D 525 -18.59 -16.92 23.35
C ARG D 525 -17.12 -17.19 23.65
N LYS D 526 -16.51 -16.42 24.55
CA LYS D 526 -15.12 -16.65 24.89
C LYS D 526 -14.92 -18.06 25.45
N VAL D 527 -15.73 -18.43 26.43
CA VAL D 527 -15.61 -19.78 26.99
C VAL D 527 -16.00 -20.83 25.97
N ALA D 528 -17.00 -20.54 25.13
CA ALA D 528 -17.44 -21.53 24.15
C ALA D 528 -16.34 -21.84 23.15
N ASN D 529 -15.64 -20.81 22.65
CA ASN D 529 -14.65 -21.00 21.60
C ASN D 529 -13.27 -21.35 22.13
N THR D 530 -12.96 -21.01 23.39
CA THR D 530 -11.68 -21.43 23.94
C THR D 530 -11.70 -22.90 24.33
N PHE D 531 -12.82 -23.39 24.87
CA PHE D 531 -12.96 -24.79 25.28
C PHE D 531 -13.74 -25.57 24.21
N LYS D 532 -13.09 -25.76 23.06
CA LYS D 532 -13.69 -26.54 22.00
C LYS D 532 -13.62 -28.03 22.36
N PRO D 533 -14.74 -28.77 22.27
CA PRO D 533 -14.70 -30.17 22.71
C PRO D 533 -13.68 -31.03 21.99
N HIS D 534 -13.44 -30.80 20.69
CA HIS D 534 -12.54 -31.67 19.94
C HIS D 534 -11.11 -31.58 20.47
N ARG D 535 -10.60 -30.37 20.67
CA ARG D 535 -9.26 -30.23 21.22
C ARG D 535 -9.21 -30.70 22.66
N LEU D 536 -10.31 -30.57 23.40
CA LEU D 536 -10.34 -31.08 24.77
C LEU D 536 -10.21 -32.60 24.79
N GLN D 537 -10.92 -33.29 23.90
CA GLN D 537 -10.77 -34.74 23.81
C GLN D 537 -9.38 -35.13 23.32
N ALA D 538 -8.80 -34.35 22.42
CA ALA D 538 -7.41 -34.61 22.01
C ALA D 538 -6.47 -34.48 23.21
N ARG D 539 -6.68 -33.46 24.04
CA ARG D 539 -5.88 -33.29 25.25
C ARG D 539 -6.09 -34.46 26.21
N LYS D 540 -7.33 -34.92 26.35
CA LYS D 540 -7.60 -36.06 27.22
C LYS D 540 -6.88 -37.30 26.73
N ALA D 541 -6.88 -37.54 25.42
CA ALA D 541 -6.16 -38.69 24.87
C ALA D 541 -4.66 -38.56 25.09
N MET D 542 -4.13 -37.34 24.90
CA MET D 542 -2.70 -37.14 25.11
C MET D 542 -2.33 -37.42 26.56
N TRP D 543 -3.13 -36.91 27.51
CA TRP D 543 -2.86 -37.16 28.91
C TRP D 543 -2.98 -38.65 29.24
N ARG D 544 -3.97 -39.32 28.66
CA ARG D 544 -4.16 -40.74 28.93
C ARG D 544 -2.96 -41.55 28.44
N LYS D 545 -2.45 -41.25 27.25
CA LYS D 545 -1.28 -41.97 26.76
C LYS D 545 -0.02 -41.61 27.54
N GLU D 546 0.10 -40.35 27.98
CA GLU D 546 1.24 -39.98 28.81
C GLU D 546 1.21 -40.72 30.15
N GLN D 547 0.02 -40.87 30.73
CA GLN D 547 -0.10 -41.63 31.98
C GLN D 547 0.14 -43.11 31.74
N ASP D 548 -0.23 -43.62 30.56
CA ASP D 548 0.12 -45.01 30.24
C ASP D 548 1.63 -45.18 30.18
N THR D 549 2.33 -44.24 29.57
CA THR D 549 3.79 -44.30 29.56
C THR D 549 4.36 -44.20 30.97
N ARG D 550 3.77 -43.34 31.80
CA ARG D 550 4.21 -43.23 33.19
C ARG D 550 4.03 -44.54 33.93
N ALA D 551 2.90 -45.21 33.71
CA ALA D 551 2.67 -46.52 34.34
C ALA D 551 3.67 -47.55 33.83
N LEU D 552 4.01 -47.48 32.53
CA LEU D 552 5.04 -48.37 32.00
C LEU D 552 6.37 -48.14 32.70
N ARG D 553 6.75 -46.87 32.88
CA ARG D 553 7.99 -46.57 33.60
C ARG D 553 7.93 -47.09 35.03
N GLU D 554 6.80 -46.91 35.70
CA GLU D 554 6.66 -47.39 37.08
C GLU D 554 6.82 -48.91 37.13
N GLN D 555 6.18 -49.63 36.20
CA GLN D 555 6.31 -51.08 36.16
C GLN D 555 7.72 -51.51 35.79
N SER D 556 8.47 -50.67 35.08
CA SER D 556 9.84 -51.03 34.73
C SER D 556 10.70 -51.19 35.98
N GLN D 557 10.53 -50.31 36.96
CA GLN D 557 11.28 -50.39 38.21
C GLN D 557 10.83 -51.59 39.04
N GLU E 394 -11.14 -29.36 14.06
CA GLU E 394 -11.03 -28.91 12.69
C GLU E 394 -11.13 -27.38 12.61
N GLN E 395 -10.51 -26.80 11.58
CA GLN E 395 -10.51 -25.36 11.39
C GLN E 395 -11.62 -24.97 10.42
N LYS E 396 -12.29 -23.86 10.71
CA LYS E 396 -13.38 -23.35 9.89
C LYS E 396 -12.93 -22.10 9.15
N PHE E 397 -13.25 -22.03 7.87
CA PHE E 397 -12.99 -20.82 7.10
C PHE E 397 -14.08 -19.79 7.38
N TYR E 398 -13.68 -18.52 7.47
CA TYR E 398 -14.60 -17.44 7.75
C TYR E 398 -14.58 -16.46 6.58
N ASN E 399 -15.78 -16.03 6.16
CA ASN E 399 -15.89 -15.24 4.94
C ASN E 399 -15.12 -13.92 5.06
N PHE E 400 -15.36 -13.17 6.14
CA PHE E 400 -14.72 -11.88 6.31
C PHE E 400 -14.44 -11.65 7.79
N VAL E 401 -13.44 -10.82 8.08
CA VAL E 401 -12.98 -10.55 9.43
C VAL E 401 -12.83 -9.04 9.59
N ILE E 402 -13.33 -8.52 10.70
CA ILE E 402 -13.22 -7.09 11.03
C ILE E 402 -12.27 -6.97 12.20
N LEU E 403 -11.04 -6.55 11.93
CA LEU E 403 -10.09 -6.27 13.00
C LEU E 403 -10.46 -4.98 13.71
N HIS E 404 -10.36 -4.98 15.03
CA HIS E 404 -10.74 -3.81 15.81
C HIS E 404 -10.04 -3.85 17.16
N ALA E 405 -10.09 -2.72 17.86
CA ALA E 405 -9.44 -2.56 19.15
C ALA E 405 -10.28 -3.20 20.25
N ARG E 406 -9.88 -3.01 21.50
CA ARG E 406 -10.57 -3.63 22.63
C ARG E 406 -11.95 -2.99 22.84
N ALA E 407 -12.04 -1.66 22.76
CA ALA E 407 -13.27 -0.94 23.07
C ALA E 407 -14.13 -0.71 21.84
N ASP E 408 -14.08 -1.61 20.86
CA ASP E 408 -14.80 -1.43 19.60
C ASP E 408 -15.78 -2.57 19.31
N GLU E 409 -15.85 -3.59 20.18
CA GLU E 409 -16.59 -4.80 19.85
C GLU E 409 -18.06 -4.50 19.56
N HIS E 410 -18.63 -3.50 20.23
CA HIS E 410 -20.05 -3.21 20.02
C HIS E 410 -20.33 -2.87 18.56
N ILE E 411 -19.63 -1.88 18.02
CA ILE E 411 -19.85 -1.54 16.62
C ILE E 411 -19.29 -2.62 15.71
N ALA E 412 -18.29 -3.39 16.18
CA ALA E 412 -17.81 -4.51 15.39
C ALA E 412 -18.92 -5.49 15.08
N LEU E 413 -19.63 -5.95 16.11
CA LEU E 413 -20.70 -6.90 15.84
C LEU E 413 -21.93 -6.22 15.24
N ARG E 414 -22.10 -4.91 15.47
CA ARG E 414 -23.16 -4.19 14.77
C ARG E 414 -22.95 -4.24 13.27
N VAL E 415 -21.72 -3.94 12.82
CA VAL E 415 -21.41 -3.98 11.40
C VAL E 415 -21.45 -5.42 10.89
N ARG E 416 -21.00 -6.38 11.70
CA ARG E 416 -21.06 -7.78 11.26
C ARG E 416 -22.50 -8.20 10.99
N GLU E 417 -23.42 -7.88 11.90
CA GLU E 417 -24.81 -8.23 11.70
C GLU E 417 -25.41 -7.46 10.52
N LYS E 418 -25.05 -6.18 10.37
CA LYS E 418 -25.49 -5.43 9.19
C LYS E 418 -25.08 -6.15 7.92
N LEU E 419 -23.84 -6.67 7.88
CA LEU E 419 -23.40 -7.42 6.71
C LEU E 419 -24.19 -8.71 6.53
N GLU E 420 -24.38 -9.47 7.62
CA GLU E 420 -25.15 -10.70 7.51
C GLU E 420 -26.53 -10.42 6.91
N ALA E 421 -27.13 -9.30 7.28
CA ALA E 421 -28.43 -8.93 6.73
C ALA E 421 -28.37 -8.70 5.22
N LEU E 422 -27.21 -8.39 4.68
CA LEU E 422 -27.06 -8.08 3.26
C LEU E 422 -26.86 -9.32 2.39
N GLY E 423 -26.65 -10.49 2.99
CA GLY E 423 -26.58 -11.72 2.23
C GLY E 423 -25.21 -12.38 2.18
N VAL E 424 -24.26 -11.87 2.96
CA VAL E 424 -22.92 -12.45 3.05
C VAL E 424 -22.90 -13.41 4.23
N PRO E 425 -22.64 -14.70 4.02
CA PRO E 425 -22.64 -15.65 5.13
C PRO E 425 -21.26 -15.84 5.75
N ASP E 426 -21.23 -16.61 6.83
CA ASP E 426 -19.99 -16.96 7.53
C ASP E 426 -19.20 -15.70 7.92
N GLY E 427 -19.86 -14.86 8.74
CA GLY E 427 -19.21 -13.67 9.23
C GLY E 427 -18.21 -13.97 10.33
N ALA E 428 -17.48 -12.92 10.74
CA ALA E 428 -16.47 -13.07 11.78
C ALA E 428 -16.00 -11.70 12.23
N THR E 429 -15.66 -11.60 13.52
CA THR E 429 -15.01 -10.42 14.07
C THR E 429 -13.83 -10.85 14.91
N PHE E 430 -12.85 -9.95 15.04
CA PHE E 430 -11.54 -10.32 15.56
C PHE E 430 -11.64 -10.87 16.98
N CYS E 431 -12.44 -10.22 17.83
CA CYS E 431 -12.51 -10.57 19.24
C CYS E 431 -13.62 -11.57 19.57
N GLU E 432 -14.11 -12.31 18.58
CA GLU E 432 -15.23 -13.21 18.79
C GLU E 432 -14.91 -14.67 18.55
N ASP E 433 -14.32 -15.01 17.40
CA ASP E 433 -14.03 -16.41 17.05
C ASP E 433 -12.54 -16.72 16.97
N PHE E 434 -11.66 -15.73 17.17
CA PHE E 434 -10.23 -15.96 17.02
C PHE E 434 -9.47 -15.86 18.33
N GLN E 435 -9.66 -14.78 19.09
CA GLN E 435 -9.03 -14.68 20.41
C GLN E 435 -9.67 -15.71 21.33
N VAL E 436 -8.90 -16.73 21.70
CA VAL E 436 -9.40 -17.79 22.56
C VAL E 436 -9.32 -17.36 24.02
N CYS E 444 -0.80 -15.44 16.66
CA CYS E 444 -1.98 -14.79 17.22
C CYS E 444 -2.86 -14.22 16.11
N LEU E 445 -2.56 -13.00 15.67
CA LEU E 445 -3.35 -12.40 14.59
C LEU E 445 -3.16 -13.14 13.28
N GLN E 446 -1.97 -13.67 13.03
CA GLN E 446 -1.74 -14.44 11.81
C GLN E 446 -2.73 -15.61 11.72
N ASP E 447 -3.14 -16.15 12.87
CA ASP E 447 -4.12 -17.22 12.87
C ASP E 447 -5.42 -16.78 12.20
N ALA E 448 -5.83 -15.54 12.45
CA ALA E 448 -7.01 -15.00 11.76
C ALA E 448 -6.69 -14.61 10.33
N ILE E 449 -5.46 -14.15 10.07
CA ILE E 449 -5.11 -13.69 8.74
C ILE E 449 -5.17 -14.83 7.74
N ASP E 450 -4.61 -15.99 8.09
CA ASP E 450 -4.54 -17.08 7.12
C ASP E 450 -5.86 -17.84 7.00
N HIS E 451 -6.79 -17.66 7.94
CA HIS E 451 -8.06 -18.36 7.93
C HIS E 451 -9.23 -17.46 7.53
N SER E 452 -8.95 -16.36 6.85
CA SER E 452 -9.98 -15.43 6.41
C SER E 452 -9.75 -15.09 4.93
N ALA E 453 -10.85 -14.87 4.22
CA ALA E 453 -10.79 -14.56 2.79
C ALA E 453 -10.57 -13.07 2.56
N PHE E 454 -11.49 -12.24 3.03
CA PHE E 454 -11.45 -10.80 2.81
C PHE E 454 -11.33 -10.11 4.17
N ILE E 455 -10.23 -9.39 4.37
CA ILE E 455 -9.99 -8.72 5.64
C ILE E 455 -10.69 -7.36 5.62
N ILE E 456 -11.35 -7.03 6.73
CA ILE E 456 -12.04 -5.76 6.89
C ILE E 456 -11.29 -4.96 7.93
N LEU E 457 -10.85 -3.75 7.55
CA LEU E 457 -10.12 -2.87 8.45
C LEU E 457 -11.06 -1.72 8.81
N LEU E 458 -11.67 -1.80 9.98
CA LEU E 458 -12.64 -0.81 10.43
C LEU E 458 -11.91 0.39 11.00
N LEU E 459 -11.81 1.46 10.20
CA LEU E 459 -11.21 2.69 10.68
C LEU E 459 -12.13 3.36 11.70
N THR E 460 -11.55 3.82 12.81
CA THR E 460 -12.32 4.47 13.85
C THR E 460 -11.38 5.29 14.74
N SER E 461 -11.96 5.95 15.73
CA SER E 461 -11.16 6.81 16.62
C SER E 461 -10.16 6.00 17.41
N ASN E 462 -10.56 4.83 17.92
CA ASN E 462 -9.71 4.01 18.77
C ASN E 462 -8.88 3.00 17.99
N PHE E 463 -8.80 3.15 16.67
CA PHE E 463 -7.94 2.32 15.83
C PHE E 463 -6.64 3.00 15.46
N ASP E 464 -6.39 4.19 16.01
CA ASP E 464 -5.17 4.94 15.70
C ASP E 464 -3.95 4.40 16.43
N CYS E 465 -4.13 3.55 17.43
CA CYS E 465 -2.99 2.97 18.13
C CYS E 465 -2.11 2.19 17.15
N ARG E 466 -0.80 2.29 17.35
CA ARG E 466 0.14 1.69 16.41
C ARG E 466 0.08 0.16 16.41
N LEU E 467 -0.58 -0.44 17.40
CA LEU E 467 -0.85 -1.88 17.30
C LEU E 467 -1.72 -2.17 16.10
N SER E 468 -2.74 -1.33 15.88
CA SER E 468 -3.52 -1.42 14.65
C SER E 468 -2.65 -1.21 13.42
N LEU E 469 -1.67 -0.32 13.51
CA LEU E 469 -0.75 -0.11 12.39
C LEU E 469 0.04 -1.38 12.10
N HIS E 470 0.52 -2.06 13.14
CA HIS E 470 1.22 -3.31 12.95
C HIS E 470 0.32 -4.37 12.33
N GLN E 471 -0.94 -4.44 12.79
CA GLN E 471 -1.88 -5.38 12.19
C GLN E 471 -2.08 -5.08 10.71
N VAL E 472 -2.24 -3.81 10.36
CA VAL E 472 -2.46 -3.44 8.97
C VAL E 472 -1.26 -3.84 8.12
N ASN E 473 -0.05 -3.52 8.59
CA ASN E 473 1.15 -3.85 7.83
C ASN E 473 1.30 -5.36 7.68
N GLN E 474 1.08 -6.11 8.76
CA GLN E 474 1.20 -7.56 8.67
C GLN E 474 0.19 -8.13 7.68
N ALA E 475 -1.06 -7.66 7.74
CA ALA E 475 -2.08 -8.15 6.83
C ALA E 475 -1.71 -7.85 5.39
N MET E 476 -1.27 -6.62 5.10
CA MET E 476 -0.95 -6.24 3.73
C MET E 476 0.24 -7.04 3.20
N MET E 477 1.29 -7.19 4.02
CA MET E 477 2.46 -7.92 3.55
C MET E 477 2.15 -9.40 3.37
N SER E 478 1.31 -9.97 4.23
CA SER E 478 0.90 -11.36 4.04
C SER E 478 0.07 -11.51 2.77
N ASN E 479 -0.82 -10.56 2.50
CA ASN E 479 -1.65 -10.64 1.30
C ASN E 479 -0.79 -10.52 0.05
N LEU E 480 0.19 -9.62 0.05
CA LEU E 480 1.10 -9.52 -1.09
C LEU E 480 1.93 -10.79 -1.24
N THR E 481 2.40 -11.37 -0.14
CA THR E 481 3.16 -12.60 -0.21
C THR E 481 2.31 -13.76 -0.72
N ARG E 482 1.08 -13.87 -0.24
CA ARG E 482 0.21 -14.97 -0.63
C ARG E 482 -0.15 -14.86 -2.11
N GLN E 483 -0.52 -15.99 -2.69
CA GLN E 483 -0.76 -16.08 -4.13
C GLN E 483 -2.21 -15.78 -4.46
N GLY E 484 -2.42 -14.87 -5.41
CA GLY E 484 -3.75 -14.51 -5.85
C GLY E 484 -4.41 -13.49 -4.96
N SER E 485 -5.63 -13.10 -5.35
CA SER E 485 -6.47 -12.22 -4.55
C SER E 485 -5.73 -10.95 -4.17
N PRO E 486 -5.55 -10.01 -5.11
CA PRO E 486 -4.83 -8.77 -4.78
C PRO E 486 -5.61 -7.81 -3.88
N ASP E 487 -6.92 -7.96 -3.76
CA ASP E 487 -7.77 -6.94 -3.12
C ASP E 487 -8.65 -7.56 -2.03
N CYS E 488 -8.04 -8.34 -1.13
CA CYS E 488 -8.81 -8.91 -0.03
C CYS E 488 -9.10 -7.88 1.05
N VAL E 489 -8.17 -6.96 1.29
CA VAL E 489 -8.30 -6.02 2.40
C VAL E 489 -9.26 -4.92 1.99
N ILE E 490 -10.39 -4.83 2.69
CA ILE E 490 -11.45 -3.88 2.39
C ILE E 490 -11.59 -2.93 3.58
N PRO E 491 -11.09 -1.69 3.48
CA PRO E 491 -11.29 -0.73 4.58
C PRO E 491 -12.77 -0.42 4.77
N PHE E 492 -13.11 0.01 5.97
CA PHE E 492 -14.49 0.29 6.35
C PHE E 492 -14.55 1.63 7.08
N LEU E 493 -15.70 2.29 6.97
CA LEU E 493 -15.91 3.60 7.60
C LEU E 493 -17.32 3.64 8.18
N PRO E 494 -17.49 3.25 9.45
CA PRO E 494 -18.84 3.30 10.05
C PRO E 494 -19.35 4.72 10.28
N LEU E 495 -20.54 4.83 10.86
CA LEU E 495 -21.13 6.13 11.10
C LEU E 495 -20.39 6.90 12.18
N GLU E 496 -19.98 6.20 13.24
CA GLU E 496 -19.36 6.85 14.40
C GLU E 496 -18.00 7.44 14.08
N SER E 497 -17.40 7.10 12.94
CA SER E 497 -16.11 7.62 12.53
C SER E 497 -16.32 8.49 11.29
N SER E 498 -16.07 9.80 11.44
CA SER E 498 -16.24 10.71 10.33
C SER E 498 -15.14 10.50 9.29
N PRO E 499 -15.38 10.87 8.04
CA PRO E 499 -14.31 10.78 7.04
C PRO E 499 -13.10 11.64 7.37
N ALA E 500 -13.31 12.77 8.04
CA ALA E 500 -12.22 13.71 8.30
C ALA E 500 -11.41 13.37 9.54
N GLN E 501 -11.90 12.46 10.39
CA GLN E 501 -11.22 12.12 11.63
C GLN E 501 -10.35 10.86 11.50
N LEU E 502 -10.18 10.34 10.29
CA LEU E 502 -9.39 9.13 10.10
C LEU E 502 -7.98 9.32 10.65
N SER E 503 -7.49 8.31 11.35
CA SER E 503 -6.15 8.38 11.93
C SER E 503 -5.11 8.55 10.84
N SER E 504 -4.07 9.34 11.15
CA SER E 504 -3.07 9.68 10.15
C SER E 504 -2.36 8.43 9.63
N ASP E 505 -1.83 7.61 10.53
CA ASP E 505 -1.04 6.45 10.11
C ASP E 505 -1.91 5.41 9.41
N THR E 506 -2.98 4.98 10.07
CA THR E 506 -3.82 3.94 9.50
C THR E 506 -4.42 4.38 8.16
N ALA E 507 -4.95 5.60 8.12
CA ALA E 507 -5.54 6.10 6.87
C ALA E 507 -4.47 6.24 5.79
N SER E 508 -3.27 6.69 6.15
CA SER E 508 -2.19 6.78 5.17
C SER E 508 -1.88 5.42 4.58
N LEU E 509 -1.86 4.38 5.43
CA LEU E 509 -1.66 3.03 4.94
C LEU E 509 -2.80 2.54 4.07
N LEU E 510 -3.95 3.23 4.08
CA LEU E 510 -5.12 2.83 3.30
C LEU E 510 -5.52 3.90 2.28
N SER E 511 -4.60 4.82 1.94
CA SER E 511 -4.96 5.91 1.05
C SER E 511 -5.27 5.42 -0.36
N GLY E 512 -4.51 4.44 -0.85
CA GLY E 512 -4.65 4.02 -2.24
C GLY E 512 -5.52 2.80 -2.44
N LEU E 513 -6.63 2.72 -1.71
CA LEU E 513 -7.56 1.60 -1.85
C LEU E 513 -8.98 2.11 -1.69
N VAL E 514 -9.93 1.30 -2.17
CA VAL E 514 -11.34 1.63 -2.03
C VAL E 514 -11.71 1.68 -0.55
N ARG E 515 -12.68 2.52 -0.22
CA ARG E 515 -13.14 2.72 1.15
C ARG E 515 -14.64 2.46 1.22
N LEU E 516 -15.04 1.58 2.12
CA LEU E 516 -16.44 1.28 2.34
C LEU E 516 -16.99 2.19 3.44
N ASP E 517 -18.04 2.93 3.12
CA ASP E 517 -18.62 3.89 4.05
C ASP E 517 -20.13 3.76 4.02
N GLU E 518 -20.75 3.64 5.20
CA GLU E 518 -22.20 3.65 5.29
C GLU E 518 -22.78 5.04 5.10
N HIS E 519 -21.95 6.08 5.12
CA HIS E 519 -22.42 7.43 4.78
C HIS E 519 -22.94 7.45 3.34
N SER E 520 -22.27 6.73 2.45
CA SER E 520 -22.73 6.62 1.08
C SER E 520 -24.02 5.81 1.01
N GLN E 521 -24.85 6.12 0.00
CA GLN E 521 -26.11 5.44 -0.21
C GLN E 521 -25.99 4.26 -1.17
N ILE E 522 -24.78 3.96 -1.65
CA ILE E 522 -24.58 2.89 -2.62
C ILE E 522 -23.97 1.68 -1.91
N PHE E 523 -24.23 1.57 -0.61
CA PHE E 523 -23.64 0.49 0.17
C PHE E 523 -24.10 -0.87 -0.30
N ALA E 524 -25.37 -1.00 -0.66
CA ALA E 524 -25.88 -2.28 -1.14
C ALA E 524 -25.08 -2.77 -2.33
N ARG E 525 -24.93 -1.92 -3.35
CA ARG E 525 -24.16 -2.31 -4.54
C ARG E 525 -22.70 -2.50 -4.19
N LYS E 526 -22.15 -1.71 -3.28
CA LYS E 526 -20.75 -1.87 -2.90
C LYS E 526 -20.50 -3.25 -2.35
N VAL E 527 -21.31 -3.68 -1.38
CA VAL E 527 -21.14 -5.02 -0.81
C VAL E 527 -21.45 -6.09 -1.85
N ALA E 528 -22.44 -5.85 -2.72
CA ALA E 528 -22.81 -6.86 -3.71
C ALA E 528 -21.67 -7.10 -4.69
N ASN E 529 -21.02 -6.04 -5.16
CA ASN E 529 -20.00 -6.18 -6.18
C ASN E 529 -18.61 -6.46 -5.62
N THR E 530 -18.34 -6.11 -4.36
CA THR E 530 -17.05 -6.47 -3.78
C THR E 530 -17.02 -7.95 -3.40
N PHE E 531 -18.13 -8.48 -2.87
CA PHE E 531 -18.21 -9.89 -2.47
C PHE E 531 -18.91 -10.71 -3.56
N LYS E 532 -18.22 -10.86 -4.68
CA LYS E 532 -18.76 -11.67 -5.77
C LYS E 532 -18.63 -13.15 -5.41
N PRO E 533 -19.71 -13.95 -5.52
CA PRO E 533 -19.61 -15.35 -5.09
C PRO E 533 -18.53 -16.16 -5.79
N HIS E 534 -18.28 -15.90 -7.07
CA HIS E 534 -17.31 -16.73 -7.80
C HIS E 534 -15.91 -16.58 -7.23
N ARG E 535 -15.47 -15.34 -7.03
CA ARG E 535 -14.14 -15.12 -6.45
C ARG E 535 -14.10 -15.59 -5.00
N LEU E 536 -15.22 -15.53 -4.29
CA LEU E 536 -15.25 -16.05 -2.93
C LEU E 536 -15.06 -17.55 -2.89
N GLN E 537 -15.70 -18.27 -3.81
CA GLN E 537 -15.48 -19.72 -3.89
C GLN E 537 -14.06 -20.04 -4.35
N ALA E 538 -13.50 -19.22 -5.24
CA ALA E 538 -12.09 -19.42 -5.61
C ALA E 538 -11.19 -19.24 -4.39
N ARG E 539 -11.47 -18.23 -3.57
CA ARG E 539 -10.71 -18.03 -2.34
C ARG E 539 -10.87 -19.21 -1.40
N LYS E 540 -12.09 -19.73 -1.28
CA LYS E 540 -12.33 -20.88 -0.41
C LYS E 540 -11.53 -22.09 -0.88
N ALA E 541 -11.51 -22.32 -2.19
CA ALA E 541 -10.72 -23.43 -2.73
C ALA E 541 -9.23 -23.22 -2.47
N MET E 542 -8.75 -21.98 -2.65
CA MET E 542 -7.34 -21.71 -2.40
C MET E 542 -6.99 -21.98 -0.94
N TRP E 543 -7.83 -21.52 -0.02
CA TRP E 543 -7.59 -21.75 1.39
C TRP E 543 -7.64 -23.24 1.72
N ARG E 544 -8.59 -23.96 1.11
CA ARG E 544 -8.70 -25.39 1.38
C ARG E 544 -7.45 -26.13 0.92
N LYS E 545 -6.94 -25.80 -0.26
CA LYS E 545 -5.72 -26.47 -0.73
C LYS E 545 -4.50 -26.05 0.09
N GLU E 546 -4.45 -24.79 0.53
CA GLU E 546 -3.34 -24.36 1.38
C GLU E 546 -3.37 -25.11 2.72
N GLN E 547 -4.56 -25.31 3.27
CA GLN E 547 -4.68 -26.07 4.51
C GLN E 547 -4.37 -27.54 4.28
N ASP E 548 -4.68 -28.08 3.10
CA ASP E 548 -4.25 -29.44 2.78
C ASP E 548 -2.74 -29.54 2.76
N THR E 549 -2.06 -28.55 2.17
CA THR E 549 -0.60 -28.56 2.19
C THR E 549 -0.07 -28.42 3.61
N ARG E 550 -0.73 -27.60 4.43
CA ARG E 550 -0.32 -27.47 5.83
C ARG E 550 -0.46 -28.79 6.56
N ALA E 551 -1.55 -29.52 6.33
CA ALA E 551 -1.72 -30.82 6.94
C ALA E 551 -0.66 -31.80 6.46
N LEU E 552 -0.30 -31.72 5.17
CA LEU E 552 0.79 -32.55 4.66
C LEU E 552 2.09 -32.26 5.39
N ARG E 553 2.40 -30.98 5.58
CA ARG E 553 3.61 -30.61 6.32
C ARG E 553 3.54 -31.15 7.76
N GLU E 554 2.38 -31.01 8.40
CA GLU E 554 2.24 -31.51 9.76
C GLU E 554 2.47 -33.02 9.83
N GLN E 555 1.89 -33.76 8.89
CA GLN E 555 2.09 -35.20 8.84
C GLN E 555 3.53 -35.57 8.51
N SER E 556 4.26 -34.70 7.81
CA SER E 556 5.65 -34.97 7.50
C SER E 556 6.49 -35.10 8.77
N GLN E 557 6.24 -34.23 9.75
CA GLN E 557 6.97 -34.27 11.01
C GLN E 557 6.57 -35.50 11.82
N GLU F 394 -16.23 -13.94 -13.64
CA GLU F 394 -16.10 -13.50 -15.02
C GLU F 394 -16.24 -11.98 -15.09
N GLN F 395 -15.62 -11.37 -16.09
CA GLN F 395 -15.67 -9.94 -16.29
C GLN F 395 -16.76 -9.57 -17.28
N LYS F 396 -17.47 -8.48 -17.01
CA LYS F 396 -18.55 -8.01 -17.85
C LYS F 396 -18.13 -6.74 -18.57
N PHE F 397 -18.42 -6.67 -19.87
CA PHE F 397 -18.19 -5.45 -20.63
C PHE F 397 -19.31 -4.46 -20.37
N TYR F 398 -18.95 -3.18 -20.27
CA TYR F 398 -19.91 -2.12 -20.01
C TYR F 398 -19.90 -1.15 -21.17
N ASN F 399 -21.09 -0.76 -21.62
CA ASN F 399 -21.21 0.04 -22.84
C ASN F 399 -20.49 1.37 -22.70
N PHE F 400 -20.77 2.11 -21.64
CA PHE F 400 -20.18 3.43 -21.43
C PHE F 400 -19.94 3.66 -19.94
N VAL F 401 -18.98 4.52 -19.65
CA VAL F 401 -18.57 4.80 -18.28
C VAL F 401 -18.45 6.31 -18.11
N ILE F 402 -19.01 6.82 -17.01
CA ILE F 402 -18.95 8.24 -16.68
C ILE F 402 -18.03 8.40 -15.47
N LEU F 403 -16.81 8.86 -15.71
CA LEU F 403 -15.88 9.16 -14.63
C LEU F 403 -16.33 10.44 -13.92
N HIS F 404 -16.25 10.43 -12.59
CA HIS F 404 -16.69 11.59 -11.82
C HIS F 404 -16.02 11.57 -10.46
N ALA F 405 -16.12 12.70 -9.76
CA ALA F 405 -15.50 12.86 -8.45
C ALA F 405 -16.35 12.20 -7.38
N ARG F 406 -15.98 12.40 -6.11
CA ARG F 406 -16.68 11.76 -5.01
C ARG F 406 -18.08 12.35 -4.81
N ALA F 407 -18.21 13.67 -4.90
CA ALA F 407 -19.47 14.35 -4.62
C ALA F 407 -20.32 14.57 -5.88
N ASP F 408 -20.21 13.67 -6.86
CA ASP F 408 -20.90 13.82 -8.12
C ASP F 408 -21.84 12.65 -8.44
N GLU F 409 -21.90 11.64 -7.58
CA GLU F 409 -22.59 10.41 -7.93
C GLU F 409 -24.06 10.65 -8.24
N HIS F 410 -24.69 11.63 -7.59
CA HIS F 410 -26.11 11.87 -7.84
C HIS F 410 -26.37 12.21 -9.30
N ILE F 411 -25.68 13.24 -9.82
CA ILE F 411 -25.88 13.56 -11.23
C ILE F 411 -25.26 12.51 -12.13
N ALA F 412 -24.26 11.76 -11.63
CA ALA F 412 -23.70 10.67 -12.42
C ALA F 412 -24.79 9.66 -12.76
N LEU F 413 -25.51 9.16 -11.75
CA LEU F 413 -26.54 8.18 -12.04
C LEU F 413 -27.76 8.83 -12.67
N ARG F 414 -28.00 10.12 -12.44
CA ARG F 414 -29.05 10.82 -13.16
C ARG F 414 -28.80 10.78 -14.66
N VAL F 415 -27.58 11.11 -15.07
CA VAL F 415 -27.23 11.08 -16.49
C VAL F 415 -27.22 9.65 -17.01
N ARG F 416 -26.77 8.70 -16.18
CA ARG F 416 -26.75 7.32 -16.63
C ARG F 416 -28.18 6.83 -16.93
N GLU F 417 -29.13 7.14 -16.04
CA GLU F 417 -30.52 6.74 -16.28
C GLU F 417 -31.10 7.49 -17.48
N LYS F 418 -30.78 8.78 -17.61
CA LYS F 418 -31.20 9.52 -18.79
C LYS F 418 -30.74 8.82 -20.07
N LEU F 419 -29.50 8.33 -20.07
CA LEU F 419 -29.00 7.61 -21.23
C LEU F 419 -29.74 6.29 -21.43
N GLU F 420 -29.93 5.53 -20.36
CA GLU F 420 -30.67 4.27 -20.48
C GLU F 420 -32.04 4.50 -21.11
N ALA F 421 -32.69 5.62 -20.75
CA ALA F 421 -33.98 5.93 -21.33
C ALA F 421 -33.90 6.17 -22.84
N LEU F 422 -32.72 6.53 -23.36
CA LEU F 422 -32.56 6.83 -24.77
C LEU F 422 -32.30 5.61 -25.64
N GLY F 423 -32.06 4.45 -25.03
CA GLY F 423 -31.94 3.22 -25.79
C GLY F 423 -30.54 2.61 -25.81
N VAL F 424 -29.64 3.14 -25.01
CA VAL F 424 -28.27 2.60 -24.90
C VAL F 424 -28.25 1.64 -23.71
N PRO F 425 -27.94 0.37 -23.91
CA PRO F 425 -27.95 -0.60 -22.81
C PRO F 425 -26.57 -0.74 -22.16
N ASP F 426 -26.54 -1.51 -21.08
CA ASP F 426 -25.31 -1.82 -20.34
C ASP F 426 -24.58 -0.55 -19.93
N GLY F 427 -25.27 0.27 -19.13
CA GLY F 427 -24.67 1.49 -18.61
C GLY F 427 -23.69 1.21 -17.50
N ALA F 428 -23.01 2.29 -17.08
CA ALA F 428 -22.02 2.16 -16.01
C ALA F 428 -21.61 3.54 -15.54
N THR F 429 -21.29 3.65 -14.26
CA THR F 429 -20.70 4.85 -13.68
C THR F 429 -19.52 4.45 -12.81
N PHE F 430 -18.58 5.39 -12.66
CA PHE F 430 -17.28 5.05 -12.11
C PHE F 430 -17.38 4.50 -10.69
N CYS F 431 -18.23 5.12 -9.86
CA CYS F 431 -18.32 4.77 -8.45
C CYS F 431 -19.41 3.74 -8.16
N GLU F 432 -19.85 2.98 -9.16
CA GLU F 432 -20.95 2.05 -8.97
C GLU F 432 -20.56 0.60 -9.22
N ASP F 433 -19.93 0.27 -10.35
CA ASP F 433 -19.59 -1.11 -10.69
C ASP F 433 -18.09 -1.37 -10.73
N PHE F 434 -17.25 -0.36 -10.51
CA PHE F 434 -15.81 -0.54 -10.63
C PHE F 434 -15.10 -0.42 -9.30
N GLN F 435 -15.33 0.66 -8.54
CA GLN F 435 -14.75 0.76 -7.21
C GLN F 435 -15.36 -0.29 -6.30
N VAL F 436 -14.57 -1.28 -5.92
CA VAL F 436 -15.05 -2.37 -5.08
C VAL F 436 -15.04 -1.94 -3.61
N CYS F 444 -6.40 0.28 -10.77
CA CYS F 444 -7.61 0.89 -10.24
C CYS F 444 -8.50 1.43 -11.36
N LEU F 445 -8.22 2.65 -11.79
CA LEU F 445 -8.99 3.24 -12.89
C LEU F 445 -8.75 2.51 -14.20
N GLN F 446 -7.53 2.02 -14.42
CA GLN F 446 -7.26 1.25 -15.63
C GLN F 446 -8.20 0.07 -15.75
N ASP F 447 -8.63 -0.49 -14.62
CA ASP F 447 -9.58 -1.60 -14.64
C ASP F 447 -10.87 -1.19 -15.34
N ALA F 448 -11.33 0.03 -15.10
CA ALA F 448 -12.50 0.53 -15.81
C ALA F 448 -12.17 0.94 -17.23
N ILE F 449 -10.94 1.43 -17.46
CA ILE F 449 -10.57 1.92 -18.78
C ILE F 449 -10.58 0.77 -19.78
N ASP F 450 -9.98 -0.37 -19.43
CA ASP F 450 -9.86 -1.46 -20.39
C ASP F 450 -11.16 -2.25 -20.55
N HIS F 451 -12.10 -2.10 -19.63
CA HIS F 451 -13.36 -2.85 -19.68
C HIS F 451 -14.54 -1.98 -20.10
N SER F 452 -14.28 -0.87 -20.77
CA SER F 452 -15.33 0.03 -21.23
C SER F 452 -15.08 0.38 -22.70
N ALA F 453 -16.18 0.57 -23.44
CA ALA F 453 -16.09 0.87 -24.86
C ALA F 453 -15.90 2.38 -25.10
N PHE F 454 -16.86 3.18 -24.65
CA PHE F 454 -16.86 4.63 -24.86
C PHE F 454 -16.80 5.31 -23.50
N ILE F 455 -15.73 6.05 -23.26
CA ILE F 455 -15.54 6.74 -21.98
C ILE F 455 -16.28 8.07 -22.01
N ILE F 456 -16.98 8.37 -20.93
CA ILE F 456 -17.72 9.63 -20.79
C ILE F 456 -17.00 10.45 -19.72
N LEU F 457 -16.59 11.66 -20.08
CA LEU F 457 -15.93 12.58 -19.16
C LEU F 457 -16.91 13.69 -18.83
N LEU F 458 -17.53 13.59 -17.66
CA LEU F 458 -18.55 14.54 -17.24
C LEU F 458 -17.86 15.76 -16.65
N LEU F 459 -17.78 16.83 -17.44
CA LEU F 459 -17.24 18.09 -16.95
C LEU F 459 -18.21 18.72 -15.95
N THR F 460 -17.67 19.21 -14.83
CA THR F 460 -18.48 19.83 -13.80
C THR F 460 -17.58 20.66 -12.90
N SER F 461 -18.20 21.31 -11.91
CA SER F 461 -17.46 22.18 -11.01
C SER F 461 -16.45 21.40 -10.19
N ASN F 462 -16.83 20.22 -9.70
CA ASN F 462 -15.97 19.43 -8.83
C ASN F 462 -15.09 18.45 -9.60
N PHE F 463 -14.98 18.60 -10.91
CA PHE F 463 -14.08 17.80 -11.73
C PHE F 463 -12.80 18.53 -12.06
N ASP F 464 -12.59 19.73 -11.51
CA ASP F 464 -11.40 20.51 -11.79
C ASP F 464 -10.17 20.01 -11.03
N CYS F 465 -10.35 19.15 -10.03
CA CYS F 465 -9.21 18.60 -9.31
C CYS F 465 -8.28 17.86 -10.27
N ARG F 466 -6.98 18.00 -10.05
CA ARG F 466 -6.01 17.43 -10.97
C ARG F 466 -6.01 15.90 -10.96
N LEU F 467 -6.67 15.26 -9.99
CA LEU F 467 -6.90 13.83 -10.09
C LEU F 467 -7.73 13.51 -11.32
N SER F 468 -8.77 14.33 -11.57
CA SER F 468 -9.53 14.21 -12.81
C SER F 468 -8.63 14.44 -14.02
N LEU F 469 -7.68 15.37 -13.91
CA LEU F 469 -6.74 15.62 -15.00
C LEU F 469 -5.90 14.37 -15.28
N HIS F 470 -5.43 13.71 -14.23
CA HIS F 470 -4.68 12.48 -14.39
C HIS F 470 -5.54 11.39 -15.04
N GLN F 471 -6.80 11.28 -14.62
CA GLN F 471 -7.70 10.31 -15.24
C GLN F 471 -7.87 10.61 -16.73
N VAL F 472 -8.06 11.88 -17.07
CA VAL F 472 -8.26 12.25 -18.47
C VAL F 472 -7.02 11.89 -19.29
N ASN F 473 -5.84 12.24 -18.79
CA ASN F 473 -4.62 11.95 -19.52
C ASN F 473 -4.41 10.45 -19.67
N GLN F 474 -4.63 9.68 -18.60
CA GLN F 474 -4.46 8.24 -18.69
C GLN F 474 -5.43 7.65 -19.71
N ALA F 475 -6.69 8.08 -19.67
CA ALA F 475 -7.68 7.55 -20.61
C ALA F 475 -7.29 7.86 -22.05
N MET F 476 -6.89 9.11 -22.31
CA MET F 476 -6.54 9.50 -23.67
C MET F 476 -5.31 8.74 -24.17
N MET F 477 -4.28 8.63 -23.34
CA MET F 477 -3.07 7.94 -23.78
C MET F 477 -3.33 6.45 -23.97
N SER F 478 -4.17 5.84 -23.13
CA SER F 478 -4.53 4.45 -23.33
C SER F 478 -5.32 4.27 -24.63
N ASN F 479 -6.24 5.20 -24.90
CA ASN F 479 -7.04 5.10 -26.13
C ASN F 479 -6.15 5.24 -27.36
N LEU F 480 -5.20 6.19 -27.33
CA LEU F 480 -4.28 6.31 -28.45
C LEU F 480 -3.40 5.07 -28.58
N THR F 481 -2.93 4.50 -27.47
CA THR F 481 -2.13 3.29 -27.54
C THR F 481 -2.93 2.12 -28.07
N ARG F 482 -4.18 1.96 -27.61
CA ARG F 482 -4.99 0.83 -28.03
C ARG F 482 -5.33 0.94 -29.51
N GLN F 483 -5.64 -0.20 -30.12
CA GLN F 483 -5.85 -0.29 -31.56
C GLN F 483 -7.30 -0.05 -31.91
N GLY F 484 -7.52 0.86 -32.86
CA GLY F 484 -8.84 1.17 -33.34
C GLY F 484 -9.57 2.17 -32.45
N SER F 485 -10.78 2.53 -32.88
CA SER F 485 -11.66 3.38 -32.10
C SER F 485 -10.98 4.68 -31.70
N PRO F 486 -10.81 5.62 -32.63
CA PRO F 486 -10.13 6.88 -32.27
C PRO F 486 -10.95 7.81 -31.40
N ASP F 487 -12.28 7.63 -31.30
CA ASP F 487 -13.17 8.60 -30.69
C ASP F 487 -14.05 7.96 -29.62
N CYS F 488 -13.44 7.20 -28.70
CA CYS F 488 -14.21 6.59 -27.62
C CYS F 488 -14.56 7.61 -26.55
N VAL F 489 -13.67 8.56 -26.28
CA VAL F 489 -13.85 9.50 -25.18
C VAL F 489 -14.84 10.57 -25.61
N ILE F 490 -15.99 10.63 -24.94
CA ILE F 490 -17.08 11.53 -25.26
C ILE F 490 -17.26 12.48 -24.07
N PRO F 491 -16.81 13.73 -24.15
CA PRO F 491 -17.07 14.68 -23.06
C PRO F 491 -18.56 14.95 -22.91
N PHE F 492 -18.94 15.36 -21.71
CA PHE F 492 -20.34 15.60 -21.36
C PHE F 492 -20.46 16.92 -20.64
N LEU F 493 -21.62 17.55 -20.77
CA LEU F 493 -21.89 18.86 -20.15
C LEU F 493 -23.32 18.85 -19.60
N PRO F 494 -23.50 18.46 -18.34
CA PRO F 494 -24.86 18.46 -17.76
C PRO F 494 -25.42 19.85 -17.54
N LEU F 495 -26.63 19.93 -16.98
CA LEU F 495 -27.27 21.22 -16.77
C LEU F 495 -26.57 22.00 -15.65
N GLU F 496 -26.18 21.31 -14.58
CA GLU F 496 -25.61 21.98 -13.42
C GLU F 496 -24.25 22.61 -13.70
N SER F 497 -23.63 22.29 -14.83
CA SER F 497 -22.34 22.86 -15.22
C SER F 497 -22.55 23.72 -16.44
N SER F 498 -22.34 25.03 -16.29
CA SER F 498 -22.51 25.94 -17.40
C SER F 498 -21.38 25.77 -18.42
N PRO F 499 -21.60 26.14 -19.68
CA PRO F 499 -20.50 26.08 -20.65
C PRO F 499 -19.34 26.99 -20.29
N ALA F 500 -19.59 28.10 -19.62
CA ALA F 500 -18.54 29.07 -19.34
C ALA F 500 -17.75 28.76 -18.07
N GLN F 501 -18.24 27.83 -17.23
CA GLN F 501 -17.57 27.51 -15.98
C GLN F 501 -16.67 26.28 -16.10
N LEU F 502 -16.45 25.76 -17.31
CA LEU F 502 -15.61 24.59 -17.48
C LEU F 502 -14.23 24.83 -16.90
N SER F 503 -13.71 23.82 -16.19
CA SER F 503 -12.40 23.93 -15.57
C SER F 503 -11.33 24.14 -16.63
N SER F 504 -10.33 24.95 -16.29
CA SER F 504 -9.31 25.33 -17.28
C SER F 504 -8.56 24.11 -17.78
N ASP F 505 -8.02 23.30 -16.87
CA ASP F 505 -7.18 22.17 -17.28
C ASP F 505 -7.99 21.10 -18.00
N THR F 506 -9.07 20.63 -17.36
CA THR F 506 -9.86 19.56 -17.96
C THR F 506 -10.45 20.00 -19.30
N ALA F 507 -11.03 21.20 -19.36
CA ALA F 507 -11.59 21.69 -20.62
C ALA F 507 -10.51 21.86 -21.67
N SER F 508 -9.32 22.35 -21.29
CA SER F 508 -8.23 22.48 -22.23
C SER F 508 -7.86 21.12 -22.82
N LEU F 509 -7.82 20.08 -21.98
CA LEU F 509 -7.57 18.74 -22.47
C LEU F 509 -8.68 18.22 -23.37
N LEU F 510 -9.85 18.87 -23.39
CA LEU F 510 -10.98 18.45 -24.19
C LEU F 510 -11.39 19.50 -25.20
N SER F 511 -10.50 20.45 -25.52
CA SER F 511 -10.86 21.54 -26.42
C SER F 511 -11.13 21.03 -27.84
N GLY F 512 -10.33 20.08 -28.32
CA GLY F 512 -10.42 19.66 -29.70
C GLY F 512 -11.25 18.42 -29.94
N LEU F 513 -12.37 18.30 -29.24
CA LEU F 513 -13.26 17.15 -29.40
C LEU F 513 -14.70 17.62 -29.27
N VAL F 514 -15.61 16.77 -29.77
CA VAL F 514 -17.04 17.06 -29.66
C VAL F 514 -17.44 17.09 -28.19
N ARG F 515 -18.45 17.90 -27.89
CA ARG F 515 -18.94 18.07 -26.53
C ARG F 515 -20.43 17.77 -26.49
N LEU F 516 -20.82 16.87 -25.61
CA LEU F 516 -22.23 16.53 -25.42
C LEU F 516 -22.82 17.42 -24.33
N ASP F 517 -23.89 18.13 -24.67
CA ASP F 517 -24.53 19.06 -23.75
C ASP F 517 -26.03 18.89 -23.82
N GLU F 518 -26.67 18.75 -22.65
CA GLU F 518 -28.13 18.71 -22.60
C GLU F 518 -28.74 20.09 -22.80
N HIS F 519 -27.94 21.16 -22.75
CA HIS F 519 -28.45 22.47 -23.11
C HIS F 519 -28.94 22.49 -24.55
N SER F 520 -28.23 21.79 -25.43
CA SER F 520 -28.65 21.67 -26.82
C SER F 520 -29.92 20.83 -26.92
N GLN F 521 -30.71 21.12 -27.94
CA GLN F 521 -31.96 20.40 -28.19
C GLN F 521 -31.78 19.22 -29.15
N ILE F 522 -30.55 18.96 -29.60
CA ILE F 522 -30.28 17.90 -30.57
C ILE F 522 -29.65 16.71 -29.85
N PHE F 523 -29.94 16.59 -28.55
CA PHE F 523 -29.34 15.53 -27.75
C PHE F 523 -29.74 14.15 -28.25
N ALA F 524 -31.01 13.98 -28.64
CA ALA F 524 -31.46 12.69 -29.12
C ALA F 524 -30.62 12.22 -30.30
N ARG F 525 -30.47 13.08 -31.31
CA ARG F 525 -29.67 12.73 -32.48
C ARG F 525 -28.20 12.57 -32.11
N LYS F 526 -27.71 13.38 -31.17
CA LYS F 526 -26.31 13.27 -30.76
C LYS F 526 -26.02 11.88 -30.21
N VAL F 527 -26.85 11.43 -29.26
CA VAL F 527 -26.64 10.10 -28.69
C VAL F 527 -26.89 9.02 -29.74
N ALA F 528 -27.88 9.23 -30.62
CA ALA F 528 -28.18 8.21 -31.63
C ALA F 528 -27.02 8.00 -32.59
N ASN F 529 -26.38 9.10 -33.03
CA ASN F 529 -25.34 8.99 -34.04
C ASN F 529 -23.95 8.75 -33.44
N THR F 530 -23.73 9.11 -32.18
CA THR F 530 -22.45 8.79 -31.56
C THR F 530 -22.37 7.31 -31.18
N PHE F 531 -23.47 6.74 -30.69
CA PHE F 531 -23.52 5.33 -30.30
C PHE F 531 -24.17 4.49 -31.40
N LYS F 532 -23.46 4.37 -32.51
CA LYS F 532 -23.94 3.54 -33.61
C LYS F 532 -23.77 2.06 -33.25
N PRO F 533 -24.82 1.24 -33.39
CA PRO F 533 -24.70 -0.16 -32.96
C PRO F 533 -23.56 -0.92 -33.63
N HIS F 534 -23.28 -0.67 -34.91
CA HIS F 534 -22.29 -1.47 -35.61
C HIS F 534 -20.89 -1.27 -35.02
N ARG F 535 -20.49 -0.01 -34.80
CA ARG F 535 -19.19 0.24 -34.18
C ARG F 535 -19.17 -0.24 -32.74
N LEU F 536 -20.31 -0.21 -32.05
CA LEU F 536 -20.36 -0.73 -30.69
C LEU F 536 -20.12 -2.23 -30.66
N GLN F 537 -20.72 -2.97 -31.59
CA GLN F 537 -20.44 -4.41 -31.67
C GLN F 537 -19.01 -4.68 -32.09
N ALA F 538 -18.45 -3.84 -32.97
CA ALA F 538 -17.04 -3.99 -33.31
C ALA F 538 -16.16 -3.79 -32.06
N ARG F 539 -16.49 -2.79 -31.25
CA ARG F 539 -15.77 -2.57 -30.01
C ARG F 539 -15.92 -3.75 -29.05
N LYS F 540 -17.13 -4.31 -28.98
CA LYS F 540 -17.35 -5.47 -28.12
C LYS F 540 -16.50 -6.65 -28.57
N ALA F 541 -16.44 -6.89 -29.88
CA ALA F 541 -15.60 -7.96 -30.40
C ALA F 541 -14.12 -7.71 -30.11
N MET F 542 -13.68 -6.46 -30.27
CA MET F 542 -12.29 -6.14 -29.99
C MET F 542 -11.96 -6.40 -28.53
N TRP F 543 -12.85 -5.97 -27.62
CA TRP F 543 -12.62 -6.20 -26.20
C TRP F 543 -12.63 -7.68 -25.88
N ARG F 544 -13.54 -8.44 -26.51
CA ARG F 544 -13.62 -9.87 -26.26
C ARG F 544 -12.33 -10.57 -26.69
N LYS F 545 -11.80 -10.23 -27.86
CA LYS F 545 -10.55 -10.85 -28.29
C LYS F 545 -9.37 -10.39 -27.45
N GLU F 546 -9.37 -9.13 -27.00
CA GLU F 546 -8.29 -8.68 -26.12
C GLU F 546 -8.34 -9.42 -24.79
N GLN F 547 -9.54 -9.67 -24.26
CA GLN F 547 -9.65 -10.44 -23.02
C GLN F 547 -9.28 -11.90 -23.25
N ASP F 548 -9.55 -12.43 -24.44
CA ASP F 548 -9.08 -13.78 -24.75
C ASP F 548 -7.56 -13.84 -24.74
N THR F 549 -6.90 -12.84 -25.31
CA THR F 549 -5.44 -12.77 -25.25
C THR F 549 -4.95 -12.63 -23.82
N ARG F 550 -5.65 -11.83 -23.01
CA ARG F 550 -5.29 -11.69 -21.61
C ARG F 550 -5.39 -13.02 -20.88
N ALA F 551 -6.45 -13.77 -21.15
CA ALA F 551 -6.60 -15.09 -20.54
C ALA F 551 -5.50 -16.04 -21.01
N LEU F 552 -5.10 -15.95 -22.28
CA LEU F 552 -3.99 -16.74 -22.76
C LEU F 552 -2.71 -16.41 -22.00
N ARG F 553 -2.44 -15.11 -21.80
CA ARG F 553 -1.27 -14.72 -21.02
C ARG F 553 -1.35 -15.26 -19.60
N GLU F 554 -2.53 -15.17 -18.98
CA GLU F 554 -2.69 -15.66 -17.62
C GLU F 554 -2.41 -17.16 -17.55
N GLN F 555 -2.94 -17.92 -18.51
CA GLN F 555 -2.69 -19.36 -18.56
C GLN F 555 -1.24 -19.67 -18.86
N SER F 556 -0.53 -18.77 -19.53
CA SER F 556 0.88 -19.02 -19.81
C SER F 556 1.70 -19.12 -18.53
N GLN F 557 1.41 -18.26 -17.56
CA GLN F 557 2.09 -18.28 -16.28
C GLN F 557 1.71 -19.52 -15.48
#